data_3WX9
#
_entry.id   3WX9
#
_cell.length_a   85.769
_cell.length_b   70.997
_cell.length_c   136.704
_cell.angle_alpha   90.00
_cell.angle_beta   90.02
_cell.angle_gamma   90.00
#
_symmetry.space_group_name_H-M   'C 1 2 1'
#
loop_
_entity.id
_entity.type
_entity.pdbx_description
1 polymer 'Putative uncharacterized protein PH0207'
2 non-polymer "4'-DEOXY-4'-AMINOPYRIDOXAL-5'-PHOSPHATE"
3 non-polymer '2-OXOGLUTARIC ACID'
4 non-polymer '(2E)-pent-2-enedioic acid'
5 non-polymer '4-(2-aminophenyl)-2,4-dioxobutanoic acid'
6 non-polymer 'GLUTAMIC ACID'
7 non-polymer '4-hydroxyquinoline-2-carboxylic acid'
8 water water
#
_entity_poly.entity_id   1
_entity_poly.type   'polypeptide(L)'
_entity_poly.pdbx_seq_one_letter_code
;MGSSHHHHHHSSGLVPRGSHMHEDVQLNIYVHSQEGIGMEENIKSMLGDVERFFSKKALEMRASEVRELLKLVETSDIIS
LAGGLPNPKTFPKEIIRDILVEIMEKYADKALQYGTTKGFTPLRETLMKWLGKRYGISQDNDIMITSGSQQALDLIGRVF
LNPGDIVVVEAPTYLAALQAFNFYEPQYIQIPLDDEGMKVEILEEKLKELKSQGKKVKVVYTVPTFQNPAGVTMNEDRRK
YLLELASEYDFIVVEDDPYGELRYSGNPEKKIKALDNEGRVIYLGTFSKILAPGFRIGWMVGDPGIIRKMEIAKQSTDLC
TNVFGQVVAWRYVDGGYLEKHIPEIRKFYKPRRDAMLEALEEFMPEGVKWTKPEGGMFIWVTLPDGIDSKKMLERAIKKG
VAYVPGEAFYAHRDVKNTMRLNFTYVDEDKIMEGIKRLAETIKEELKA
;
_entity_poly.pdbx_strand_id   A,C
#
# COMPACT_ATOMS: atom_id res chain seq x y z
N SER A 45 -7.13 -18.59 17.77
CA SER A 45 -5.67 -18.68 17.37
C SER A 45 -4.96 -19.95 17.95
N MET A 46 -3.97 -20.49 17.22
CA MET A 46 -3.17 -21.65 17.71
C MET A 46 -2.10 -21.22 18.76
N LEU A 47 -1.97 -19.92 18.96
CA LEU A 47 -0.96 -19.40 19.85
C LEU A 47 -1.58 -19.06 21.20
N GLY A 48 -2.86 -19.35 21.37
CA GLY A 48 -3.54 -19.05 22.63
C GLY A 48 -3.79 -17.56 22.72
N ASP A 49 -3.12 -16.92 23.64
CA ASP A 49 -3.34 -15.50 23.84
C ASP A 49 -2.45 -14.78 22.84
N VAL A 50 -2.84 -14.75 21.56
CA VAL A 50 -1.99 -14.12 20.51
C VAL A 50 -1.76 -12.61 20.80
N GLU A 51 -2.70 -12.00 21.53
CA GLU A 51 -2.60 -10.61 21.91
C GLU A 51 -1.31 -10.30 22.60
N ARG A 52 -0.66 -11.31 23.19
CA ARG A 52 0.58 -10.98 23.92
C ARG A 52 1.69 -10.43 22.99
N PHE A 53 1.56 -10.67 21.67
CA PHE A 53 2.59 -10.25 20.73
C PHE A 53 2.27 -8.89 20.12
N PHE A 54 1.01 -8.50 20.26
CA PHE A 54 0.48 -7.29 19.54
C PHE A 54 0.97 -5.96 20.06
N SER A 55 1.24 -4.98 19.17
CA SER A 55 1.55 -3.64 19.64
C SER A 55 0.35 -2.92 20.26
N LYS A 56 0.66 -1.83 20.92
CA LYS A 56 -0.39 -1.03 21.55
C LYS A 56 -1.39 -0.59 20.48
N LYS A 57 -0.93 -0.15 19.34
CA LYS A 57 -1.96 0.29 18.36
C LYS A 57 -2.76 -0.85 17.81
N ALA A 58 -2.11 -2.01 17.66
CA ALA A 58 -2.85 -3.21 17.21
C ALA A 58 -3.89 -3.67 18.24
N LEU A 59 -3.59 -3.49 19.54
CA LEU A 59 -4.56 -3.88 20.56
C LEU A 59 -5.75 -2.92 20.51
N GLU A 60 -5.59 -1.71 20.02
CA GLU A 60 -6.75 -0.79 19.92
C GLU A 60 -7.57 -1.00 18.63
N MET A 61 -7.02 -1.73 17.66
CA MET A 61 -7.77 -2.07 16.41
C MET A 61 -8.89 -3.08 16.59
N ARG A 62 -10.07 -2.70 16.09
CA ARG A 62 -11.27 -3.52 16.24
C ARG A 62 -12.02 -3.61 14.92
N ALA A 63 -12.70 -4.72 14.73
CA ALA A 63 -13.76 -4.87 13.70
C ALA A 63 -14.94 -3.99 14.13
N SER A 64 -15.66 -3.44 13.17
CA SER A 64 -16.87 -2.67 13.48
C SER A 64 -18.06 -3.59 13.32
N GLU A 65 -18.86 -3.68 14.38
CA GLU A 65 -20.12 -4.47 14.39
C GLU A 65 -21.06 -4.09 13.22
N VAL A 66 -21.23 -2.77 13.02
CA VAL A 66 -22.10 -2.27 11.91
C VAL A 66 -21.47 -2.67 10.55
N ARG A 67 -20.16 -2.52 10.41
CA ARG A 67 -19.50 -2.92 9.16
C ARG A 67 -19.73 -4.39 8.84
N GLU A 68 -19.62 -5.22 9.88
CA GLU A 68 -19.71 -6.67 9.71
C GLU A 68 -21.13 -7.03 9.31
N LEU A 69 -22.11 -6.43 10.01
CA LEU A 69 -23.53 -6.55 9.68
C LEU A 69 -23.85 -6.18 8.22
N LEU A 70 -23.35 -5.03 7.77
CA LEU A 70 -23.59 -4.60 6.39
C LEU A 70 -22.92 -5.51 5.35
N LYS A 71 -21.80 -6.14 5.71
CA LYS A 71 -21.19 -7.06 4.74
C LYS A 71 -22.16 -8.19 4.50
N LEU A 72 -22.78 -8.66 5.57
CA LEU A 72 -23.69 -9.79 5.55
C LEU A 72 -24.95 -9.37 4.76
N VAL A 73 -25.40 -8.14 5.01
CA VAL A 73 -26.55 -7.56 4.28
C VAL A 73 -26.39 -7.56 2.74
N GLU A 74 -25.17 -7.27 2.30
CA GLU A 74 -24.89 -7.02 0.87
C GLU A 74 -25.06 -8.32 0.05
N THR A 75 -24.87 -9.47 0.71
CA THR A 75 -24.95 -10.80 0.08
C THR A 75 -26.39 -11.39 0.05
N SER A 76 -27.28 -10.82 0.86
CA SER A 76 -28.69 -11.25 0.95
C SER A 76 -29.59 -10.47 -0.02
N ASP A 77 -30.92 -10.70 0.08
CA ASP A 77 -31.93 -10.09 -0.81
C ASP A 77 -32.40 -8.67 -0.48
N ILE A 78 -32.05 -8.18 0.71
CA ILE A 78 -32.31 -6.79 1.15
C ILE A 78 -31.86 -5.75 0.09
N ILE A 79 -32.59 -4.65 -0.02
CA ILE A 79 -32.19 -3.57 -0.90
C ILE A 79 -31.21 -2.71 -0.08
N SER A 80 -29.93 -2.82 -0.40
CA SER A 80 -28.97 -2.05 0.36
C SER A 80 -28.72 -0.68 -0.27
N LEU A 81 -28.87 0.37 0.52
CA LEU A 81 -28.45 1.73 0.17
C LEU A 81 -27.13 2.05 0.94
N ALA A 82 -26.49 1.05 1.54
CA ALA A 82 -25.32 1.25 2.40
C ALA A 82 -23.99 1.18 1.70
N GLY A 83 -24.00 0.88 0.38
CA GLY A 83 -22.75 0.68 -0.38
C GLY A 83 -21.97 1.96 -0.60
N GLY A 84 -20.66 1.86 -0.80
CA GLY A 84 -19.89 3.01 -1.30
C GLY A 84 -19.14 2.68 -2.58
N LEU A 85 -19.69 1.74 -3.33
CA LEU A 85 -19.12 1.31 -4.60
C LEU A 85 -19.68 2.01 -5.81
N PRO A 86 -18.85 2.27 -6.79
CA PRO A 86 -19.34 2.78 -8.06
C PRO A 86 -19.94 1.50 -8.88
N ASN A 87 -20.73 1.83 -9.88
CA ASN A 87 -21.55 0.83 -10.61
C ASN A 87 -20.69 0.30 -11.73
N PRO A 88 -20.52 -1.01 -11.84
CA PRO A 88 -19.61 -1.52 -12.93
C PRO A 88 -20.06 -1.17 -14.36
N LYS A 89 -21.34 -0.79 -14.50
CA LYS A 89 -21.81 -0.29 -15.78
C LYS A 89 -21.12 0.96 -16.27
N THR A 90 -20.45 1.67 -15.34
CA THR A 90 -19.66 2.85 -15.67
C THR A 90 -18.19 2.55 -15.98
N PHE A 91 -17.78 1.28 -15.82
CA PHE A 91 -16.37 1.01 -16.11
C PHE A 91 -16.23 0.92 -17.63
N PRO A 92 -15.25 1.64 -18.21
CA PRO A 92 -15.09 1.72 -19.69
C PRO A 92 -14.36 0.44 -20.18
N LYS A 93 -15.12 -0.62 -20.28
CA LYS A 93 -14.46 -1.97 -20.44
C LYS A 93 -13.91 -2.10 -21.85
N GLU A 94 -14.57 -1.56 -22.86
CA GLU A 94 -13.94 -1.61 -24.17
C GLU A 94 -12.66 -0.80 -24.32
N ILE A 95 -12.63 0.37 -23.71
CA ILE A 95 -11.42 1.21 -23.74
C ILE A 95 -10.33 0.47 -22.95
N ILE A 96 -10.70 -0.08 -21.81
CA ILE A 96 -9.70 -0.84 -21.05
C ILE A 96 -9.15 -2.00 -21.84
N ARG A 97 -10.02 -2.74 -22.54
CA ARG A 97 -9.48 -3.87 -23.39
C ARG A 97 -8.46 -3.35 -24.43
N ASP A 98 -8.82 -2.24 -25.08
CA ASP A 98 -7.95 -1.69 -26.15
C ASP A 98 -6.62 -1.28 -25.52
N ILE A 99 -6.67 -0.68 -24.31
CA ILE A 99 -5.43 -0.25 -23.62
C ILE A 99 -4.59 -1.47 -23.20
N LEU A 100 -5.21 -2.54 -22.73
CA LEU A 100 -4.43 -3.73 -22.36
C LEU A 100 -3.65 -4.31 -23.55
N VAL A 101 -4.34 -4.36 -24.70
CA VAL A 101 -3.72 -4.75 -25.96
C VAL A 101 -2.55 -3.88 -26.27
N GLU A 102 -2.74 -2.55 -26.23
CA GLU A 102 -1.69 -1.61 -26.53
C GLU A 102 -0.49 -1.81 -25.59
N ILE A 103 -0.76 -2.06 -24.29
CA ILE A 103 0.31 -2.23 -23.36
C ILE A 103 1.16 -3.44 -23.65
N MET A 104 0.52 -4.53 -23.96
CA MET A 104 1.28 -5.75 -24.27
C MET A 104 2.06 -5.62 -25.58
N GLU A 105 1.54 -4.81 -26.50
CA GLU A 105 2.27 -4.52 -27.78
C GLU A 105 3.49 -3.63 -27.61
N LYS A 106 3.36 -2.57 -26.82
CA LYS A 106 4.26 -1.44 -26.88
C LYS A 106 4.95 -1.12 -25.58
N TYR A 107 4.30 -1.47 -24.47
CA TYR A 107 4.86 -1.01 -23.15
C TYR A 107 5.02 -2.15 -22.13
N ALA A 108 5.16 -3.36 -22.58
CA ALA A 108 5.06 -4.52 -21.69
C ALA A 108 6.13 -4.53 -20.59
N ASP A 109 7.38 -4.30 -20.95
CA ASP A 109 8.42 -4.30 -19.94
C ASP A 109 8.23 -3.18 -18.91
N LYS A 110 7.77 -1.98 -19.33
CA LYS A 110 7.60 -0.89 -18.38
C LYS A 110 6.42 -1.25 -17.41
N ALA A 111 5.34 -1.81 -17.95
CA ALA A 111 4.21 -2.12 -17.15
C ALA A 111 4.46 -3.29 -16.21
N LEU A 112 5.42 -4.15 -16.57
CA LEU A 112 5.65 -5.36 -15.76
C LEU A 112 6.83 -5.32 -14.81
N GLN A 113 7.69 -4.34 -14.93
CA GLN A 113 8.84 -4.22 -14.08
C GLN A 113 8.52 -3.39 -12.82
N TYR A 114 9.38 -3.51 -11.79
CA TYR A 114 9.30 -2.58 -10.66
C TYR A 114 9.31 -1.12 -11.27
N GLY A 115 8.61 -0.25 -10.58
CA GLY A 115 8.61 1.19 -10.86
C GLY A 115 9.33 2.00 -9.76
N THR A 116 9.46 3.32 -10.03
CA THR A 116 10.02 4.20 -8.98
C THR A 116 8.98 4.47 -7.90
N THR A 117 9.43 4.83 -6.70
CA THR A 117 8.48 5.13 -5.69
C THR A 117 7.52 6.27 -6.02
N LYS A 118 8.04 7.30 -6.67
CA LYS A 118 7.27 8.48 -6.95
C LYS A 118 6.15 8.21 -7.95
N GLY A 119 6.38 7.23 -8.84
CA GLY A 119 5.33 6.86 -9.82
C GLY A 119 5.91 6.84 -11.24
N PHE A 120 5.13 6.32 -12.15
CA PHE A 120 5.49 6.22 -13.56
C PHE A 120 5.55 7.60 -14.17
N THR A 121 6.72 7.97 -14.69
CA THR A 121 6.85 9.39 -15.18
C THR A 121 5.76 9.90 -16.13
N PRO A 122 5.40 9.10 -17.16
CA PRO A 122 4.39 9.57 -18.08
C PRO A 122 3.00 9.79 -17.45
N LEU A 123 2.63 8.97 -16.44
CA LEU A 123 1.41 9.22 -15.77
C LEU A 123 1.48 10.49 -14.95
N ARG A 124 2.60 10.74 -14.28
CA ARG A 124 2.81 11.94 -13.51
C ARG A 124 2.67 13.20 -14.37
N GLU A 125 3.26 13.08 -15.56
CA GLU A 125 3.30 14.26 -16.50
C GLU A 125 1.95 14.51 -17.02
N THR A 126 1.26 13.44 -17.45
CA THR A 126 -0.06 13.54 -18.06
C THR A 126 -1.09 14.10 -17.03
N LEU A 127 -0.98 13.65 -15.77
CA LEU A 127 -1.87 14.10 -14.70
C LEU A 127 -1.60 15.58 -14.43
N MET A 128 -0.33 15.97 -14.35
CA MET A 128 -0.12 17.41 -14.12
C MET A 128 -0.63 18.31 -15.27
N LYS A 129 -0.51 17.86 -16.51
CA LYS A 129 -1.05 18.63 -17.60
C LYS A 129 -2.59 18.66 -17.51
N TRP A 130 -3.22 17.54 -17.17
CA TRP A 130 -4.67 17.44 -17.04
C TRP A 130 -5.17 18.35 -15.94
N LEU A 131 -4.51 18.27 -14.82
CA LEU A 131 -4.90 19.04 -13.71
C LEU A 131 -4.76 20.58 -13.94
N GLY A 132 -3.73 20.84 -14.71
CA GLY A 132 -3.44 22.29 -15.11
C GLY A 132 -4.55 22.81 -15.97
N LYS A 133 -4.85 22.09 -17.04
CA LYS A 133 -5.80 22.60 -18.01
C LYS A 133 -7.18 22.53 -17.45
N ARG A 134 -7.51 21.43 -16.81
CA ARG A 134 -8.89 21.24 -16.42
C ARG A 134 -9.26 22.09 -15.21
N TYR A 135 -8.32 22.22 -14.29
CA TYR A 135 -8.63 22.84 -13.00
C TYR A 135 -7.86 24.09 -12.69
N GLY A 136 -6.86 24.41 -13.49
CA GLY A 136 -6.01 25.51 -13.11
C GLY A 136 -5.06 25.30 -11.98
N ILE A 137 -4.73 24.03 -11.66
CA ILE A 137 -3.75 23.78 -10.63
C ILE A 137 -2.37 24.10 -11.16
N SER A 138 -1.59 24.73 -10.34
CA SER A 138 -0.29 25.28 -10.73
C SER A 138 0.76 24.22 -10.95
N GLN A 139 1.52 24.37 -12.03
CA GLN A 139 2.61 23.46 -12.34
C GLN A 139 3.83 23.51 -11.44
N ASP A 140 3.91 24.47 -10.51
CA ASP A 140 4.99 24.50 -9.48
C ASP A 140 4.85 23.35 -8.44
N ASN A 141 3.70 22.70 -8.40
CA ASN A 141 3.57 21.61 -7.43
C ASN A 141 4.25 20.40 -7.98
N ASP A 142 4.57 19.46 -7.08
CA ASP A 142 5.02 18.13 -7.51
C ASP A 142 3.86 17.15 -7.35
N ILE A 143 4.08 15.93 -7.85
CA ILE A 143 3.04 14.90 -7.81
C ILE A 143 3.65 13.56 -7.54
N MET A 144 2.95 12.81 -6.71
CA MET A 144 3.32 11.40 -6.41
C MET A 144 2.10 10.53 -6.74
N ILE A 145 2.33 9.30 -7.32
CA ILE A 145 1.21 8.38 -7.52
C ILE A 145 1.07 7.50 -6.27
N THR A 146 -0.15 7.23 -5.87
CA THR A 146 -0.42 6.47 -4.67
C THR A 146 -1.25 5.22 -4.96
N SER A 147 -1.27 4.30 -4.02
CA SER A 147 -2.05 3.06 -4.18
C SER A 147 -3.44 3.31 -3.72
N GLY A 148 -4.12 4.16 -4.51
CA GLY A 148 -5.40 4.75 -4.08
C GLY A 148 -5.21 5.97 -3.23
N SER A 149 -6.20 6.82 -3.17
CA SER A 149 -6.23 7.86 -2.15
C SER A 149 -6.17 7.42 -0.69
N GLN A 150 -6.62 6.21 -0.41
CA GLN A 150 -6.57 5.71 0.88
C GLN A 150 -5.12 5.69 1.36
N GLN A 151 -4.24 5.28 0.45
CA GLN A 151 -2.81 5.28 0.87
C GLN A 151 -2.32 6.71 1.13
N ALA A 152 -2.78 7.66 0.31
CA ALA A 152 -2.40 9.02 0.57
C ALA A 152 -2.76 9.49 1.98
N LEU A 153 -3.91 9.07 2.46
CA LEU A 153 -4.36 9.46 3.81
C LEU A 153 -3.45 8.87 4.86
N ASP A 154 -3.10 7.57 4.68
CA ASP A 154 -2.19 6.97 5.63
C ASP A 154 -0.83 7.71 5.64
N LEU A 155 -0.33 8.02 4.42
CA LEU A 155 1.02 8.74 4.31
C LEU A 155 0.93 10.11 4.96
N ILE A 156 -0.20 10.80 4.77
CA ILE A 156 -0.43 12.11 5.47
C ILE A 156 -0.32 11.93 6.95
N GLY A 157 -0.93 10.91 7.48
CA GLY A 157 -0.87 10.68 8.89
C GLY A 157 0.60 10.39 9.30
N ARG A 158 1.27 9.53 8.56
CA ARG A 158 2.66 9.24 8.88
C ARG A 158 3.61 10.45 8.85
N VAL A 159 3.44 11.32 7.85
CA VAL A 159 4.42 12.39 7.60
C VAL A 159 4.13 13.58 8.49
N PHE A 160 2.87 13.81 8.87
CA PHE A 160 2.55 15.03 9.59
C PHE A 160 2.20 14.76 11.08
N LEU A 161 1.70 13.60 11.46
CA LEU A 161 1.07 13.57 12.77
C LEU A 161 1.89 12.89 13.86
N ASN A 162 2.24 13.71 14.84
CA ASN A 162 2.66 13.19 16.11
C ASN A 162 1.43 12.95 17.02
N PRO A 163 1.49 12.08 18.07
CA PRO A 163 0.39 11.81 18.98
C PRO A 163 -0.06 13.10 19.59
N GLY A 164 -1.35 13.37 19.58
CA GLY A 164 -1.83 14.63 20.11
C GLY A 164 -1.93 15.76 19.17
N ASP A 165 -1.32 15.65 17.99
CA ASP A 165 -1.43 16.75 17.05
C ASP A 165 -2.90 16.97 16.64
N ILE A 166 -3.29 18.22 16.42
CA ILE A 166 -4.70 18.45 16.21
C ILE A 166 -5.01 18.48 14.68
N VAL A 167 -6.02 17.68 14.29
CA VAL A 167 -6.57 17.59 12.91
C VAL A 167 -8.02 18.05 12.95
N VAL A 168 -8.38 18.98 12.07
CA VAL A 168 -9.75 19.46 11.91
C VAL A 168 -10.29 18.53 10.82
N VAL A 169 -11.51 18.08 11.07
CA VAL A 169 -12.28 17.33 10.03
C VAL A 169 -13.66 18.02 10.01
N GLU A 170 -14.36 17.81 8.90
CA GLU A 170 -15.79 18.09 8.84
C GLU A 170 -16.56 17.11 9.70
N ALA A 171 -17.77 17.53 10.14
CA ALA A 171 -18.68 16.65 10.86
C ALA A 171 -19.99 16.62 10.05
N PRO A 172 -20.26 15.54 9.31
CA PRO A 172 -19.51 14.30 9.25
C PRO A 172 -18.25 14.45 8.32
N THR A 173 -17.43 13.39 8.28
CA THR A 173 -16.36 13.27 7.27
C THR A 173 -16.25 11.84 6.78
N TYR A 174 -15.29 11.66 5.86
CA TYR A 174 -15.02 10.31 5.31
C TYR A 174 -14.49 9.37 6.37
N LEU A 175 -15.24 8.31 6.63
CA LEU A 175 -14.90 7.38 7.68
C LEU A 175 -13.52 6.82 7.58
N ALA A 176 -13.07 6.42 6.39
CA ALA A 176 -11.78 5.79 6.32
C ALA A 176 -10.62 6.77 6.47
N ALA A 177 -10.88 8.07 6.37
CA ALA A 177 -9.85 9.01 6.71
C ALA A 177 -9.66 9.03 8.23
N LEU A 178 -10.75 9.03 9.02
CA LEU A 178 -10.63 8.92 10.45
C LEU A 178 -9.84 7.66 10.79
N GLN A 179 -10.18 6.59 10.07
CA GLN A 179 -9.47 5.30 10.34
C GLN A 179 -7.97 5.38 10.01
N ALA A 180 -7.63 6.02 8.91
CA ALA A 180 -6.22 6.13 8.53
C ALA A 180 -5.52 6.96 9.62
N PHE A 181 -6.11 8.11 9.93
CA PHE A 181 -5.39 9.03 10.81
C PHE A 181 -5.32 8.54 12.22
N ASN A 182 -6.28 7.67 12.65
CA ASN A 182 -6.37 7.27 14.07
C ASN A 182 -5.15 6.45 14.46
N PHE A 183 -4.53 5.78 13.51
CA PHE A 183 -3.27 5.04 13.81
C PHE A 183 -2.19 5.98 14.44
N TYR A 184 -2.27 7.26 14.14
CA TYR A 184 -1.25 8.23 14.53
C TYR A 184 -1.68 9.09 15.72
N GLU A 185 -2.84 8.76 16.26
CA GLU A 185 -3.33 9.30 17.54
C GLU A 185 -3.52 10.84 17.56
N PRO A 186 -4.13 11.40 16.51
CA PRO A 186 -4.40 12.84 16.67
C PRO A 186 -5.55 13.13 17.65
N GLN A 187 -5.66 14.43 17.96
CA GLN A 187 -6.87 14.95 18.58
C GLN A 187 -7.67 15.57 17.45
N TYR A 188 -8.98 15.35 17.40
CA TYR A 188 -9.78 16.00 16.38
C TYR A 188 -10.61 17.19 16.86
N ILE A 189 -10.77 18.13 15.93
CA ILE A 189 -11.78 19.21 16.08
C ILE A 189 -12.73 19.01 14.92
N GLN A 190 -14.04 18.97 15.19
CA GLN A 190 -15.09 18.69 14.23
C GLN A 190 -15.76 19.99 13.83
N ILE A 191 -15.91 20.22 12.54
CA ILE A 191 -16.57 21.50 12.13
C ILE A 191 -17.86 21.06 11.35
N PRO A 192 -19.02 21.41 11.87
CA PRO A 192 -20.26 21.03 11.13
C PRO A 192 -20.28 21.52 9.69
N LEU A 193 -20.96 20.68 8.87
CA LEU A 193 -21.45 21.09 7.54
C LEU A 193 -22.82 21.70 7.58
N ASP A 194 -23.08 22.56 6.61
CA ASP A 194 -24.43 22.91 6.23
C ASP A 194 -24.64 22.63 4.75
N ASP A 195 -25.69 23.16 4.11
CA ASP A 195 -25.83 22.86 2.68
C ASP A 195 -24.81 23.48 1.77
N GLU A 196 -23.95 24.33 2.30
CA GLU A 196 -22.86 24.83 1.50
C GLU A 196 -21.51 24.40 2.05
N GLY A 197 -21.50 23.22 2.62
CA GLY A 197 -20.25 22.58 3.05
C GLY A 197 -19.78 23.05 4.41
N MET A 198 -18.46 22.96 4.64
CA MET A 198 -17.92 23.27 6.01
C MET A 198 -18.33 24.68 6.47
N LYS A 199 -18.79 24.78 7.71
CA LYS A 199 -19.05 26.12 8.22
C LYS A 199 -17.73 26.75 8.64
N VAL A 200 -17.04 27.35 7.65
CA VAL A 200 -15.69 27.89 7.91
C VAL A 200 -15.72 28.98 9.03
N GLU A 201 -16.80 29.68 9.16
CA GLU A 201 -16.91 30.59 10.35
C GLU A 201 -16.80 29.94 11.70
N ILE A 202 -17.29 28.72 11.87
CA ILE A 202 -17.18 27.97 13.08
C ILE A 202 -15.70 27.54 13.19
N LEU A 203 -15.07 27.18 12.06
CA LEU A 203 -13.62 26.85 12.15
C LEU A 203 -12.85 28.05 12.69
N GLU A 204 -13.21 29.27 12.26
CA GLU A 204 -12.46 30.46 12.77
C GLU A 204 -12.66 30.59 14.28
N GLU A 205 -13.87 30.37 14.70
CA GLU A 205 -14.20 30.45 16.11
C GLU A 205 -13.31 29.48 16.87
N LYS A 206 -13.24 28.23 16.36
CA LYS A 206 -12.52 27.17 17.12
C LYS A 206 -11.03 27.46 17.09
N LEU A 207 -10.51 27.98 15.96
CA LEU A 207 -9.08 28.35 15.85
C LEU A 207 -8.73 29.44 16.92
N LYS A 208 -9.62 30.45 17.05
CA LYS A 208 -9.39 31.51 18.07
C LYS A 208 -9.44 30.92 19.45
N GLU A 209 -10.32 29.96 19.71
CA GLU A 209 -10.41 29.39 21.05
C GLU A 209 -9.12 28.56 21.28
N LEU A 210 -8.70 27.80 20.25
CA LEU A 210 -7.50 26.93 20.45
C LEU A 210 -6.32 27.87 20.74
N LYS A 211 -6.24 28.99 20.03
CA LYS A 211 -5.14 29.96 20.17
C LYS A 211 -5.09 30.51 21.60
N SER A 212 -6.27 30.75 22.15
CA SER A 212 -6.38 31.24 23.55
C SER A 212 -5.87 30.20 24.61
N GLN A 213 -5.63 28.97 24.15
CA GLN A 213 -5.17 27.87 25.00
C GLN A 213 -3.75 27.50 24.70
N GLY A 214 -3.16 28.29 23.81
CA GLY A 214 -1.77 28.22 23.31
C GLY A 214 -1.59 27.04 22.38
N LYS A 215 -2.72 26.59 21.80
CA LYS A 215 -2.68 25.45 20.86
C LYS A 215 -2.93 25.80 19.40
N LYS A 216 -2.54 24.92 18.46
CA LYS A 216 -2.80 25.20 17.06
C LYS A 216 -3.16 23.92 16.35
N VAL A 217 -3.82 24.13 15.21
CA VAL A 217 -4.19 22.92 14.33
C VAL A 217 -3.00 22.65 13.42
N LYS A 218 -2.71 21.37 13.14
CA LYS A 218 -1.68 21.09 12.11
C LYS A 218 -2.26 20.89 10.67
N VAL A 219 -3.38 20.12 10.58
CA VAL A 219 -3.97 19.79 9.27
C VAL A 219 -5.46 20.01 9.35
N VAL A 220 -5.99 20.64 8.30
CA VAL A 220 -7.49 20.63 8.07
C VAL A 220 -7.70 19.68 6.89
N TYR A 221 -8.50 18.63 7.18
CA TYR A 221 -8.91 17.67 6.15
C TYR A 221 -10.32 17.96 5.69
N THR A 222 -10.46 18.16 4.41
CA THR A 222 -11.74 18.51 3.77
C THR A 222 -12.01 17.66 2.55
N VAL A 223 -13.29 17.29 2.43
CA VAL A 223 -13.79 16.59 1.19
C VAL A 223 -14.85 17.58 0.68
N PRO A 224 -14.37 18.58 -0.09
CA PRO A 224 -15.23 19.74 -0.21
C PRO A 224 -16.18 19.64 -1.42
N THR A 225 -16.10 18.62 -2.25
CA THR A 225 -17.08 18.59 -3.39
C THR A 225 -17.82 17.27 -3.44
N PHE A 226 -19.14 17.28 -3.31
CA PHE A 226 -20.04 16.06 -3.30
C PHE A 226 -19.49 15.14 -2.19
N GLN A 227 -19.48 15.63 -0.94
CA GLN A 227 -18.78 14.90 0.11
C GLN A 227 -19.26 13.44 0.23
N ASN A 228 -18.29 12.57 0.49
CA ASN A 228 -18.66 11.30 1.15
C ASN A 228 -18.49 11.57 2.68
N PRO A 229 -19.55 11.58 3.45
CA PRO A 229 -20.89 11.05 3.16
C PRO A 229 -22.01 12.07 2.85
N ALA A 230 -21.76 13.39 3.02
CA ALA A 230 -22.93 14.31 3.15
C ALA A 230 -23.48 14.75 1.82
N GLY A 231 -22.68 14.60 0.75
CA GLY A 231 -23.21 15.02 -0.57
C GLY A 231 -23.04 16.47 -0.94
N VAL A 232 -22.73 17.32 0.04
CA VAL A 232 -22.68 18.78 -0.17
C VAL A 232 -21.32 19.30 -0.58
N THR A 233 -21.28 20.53 -1.09
CA THR A 233 -20.12 21.14 -1.65
C THR A 233 -19.86 22.47 -0.98
N MET A 234 -18.57 22.62 -0.59
CA MET A 234 -18.14 23.91 0.01
C MET A 234 -18.19 25.00 -1.03
N ASN A 235 -18.92 26.08 -0.72
CA ASN A 235 -18.94 27.15 -1.72
C ASN A 235 -17.61 27.93 -1.92
N GLU A 236 -17.63 28.78 -2.96
CA GLU A 236 -16.42 29.44 -3.35
C GLU A 236 -15.84 30.36 -2.22
N ASP A 237 -16.74 31.11 -1.61
CA ASP A 237 -16.31 32.02 -0.59
C ASP A 237 -15.66 31.31 0.53
N ARG A 238 -16.24 30.15 0.91
CA ARG A 238 -15.69 29.36 1.97
C ARG A 238 -14.29 28.77 1.65
N ARG A 239 -14.08 28.41 0.40
CA ARG A 239 -12.79 27.90 0.01
C ARG A 239 -11.73 28.98 0.18
N LYS A 240 -12.06 30.19 -0.22
CA LYS A 240 -11.10 31.29 -0.14
C LYS A 240 -10.91 31.65 1.33
N TYR A 241 -11.99 31.66 2.09
CA TYR A 241 -11.92 31.89 3.56
C TYR A 241 -11.08 30.83 4.30
N LEU A 242 -11.28 29.53 3.99
CA LEU A 242 -10.40 28.51 4.48
C LEU A 242 -8.91 28.78 4.24
N LEU A 243 -8.57 29.20 3.01
CA LEU A 243 -7.21 29.46 2.72
C LEU A 243 -6.68 30.73 3.46
N GLU A 244 -7.53 31.72 3.66
CA GLU A 244 -7.07 32.84 4.56
C GLU A 244 -6.71 32.35 5.92
N LEU A 245 -7.55 31.48 6.51
CA LEU A 245 -7.32 30.93 7.85
C LEU A 245 -6.05 30.10 7.84
N ALA A 246 -5.80 29.35 6.75
CA ALA A 246 -4.60 28.53 6.69
C ALA A 246 -3.30 29.33 6.75
N SER A 247 -3.36 30.51 6.12
CA SER A 247 -2.24 31.46 6.18
C SER A 247 -2.14 32.12 7.57
N GLU A 248 -3.29 32.58 8.08
CA GLU A 248 -3.28 33.25 9.37
C GLU A 248 -2.84 32.37 10.50
N TYR A 249 -3.30 31.11 10.50
CA TYR A 249 -3.05 30.20 11.61
C TYR A 249 -2.00 29.13 11.30
N ASP A 250 -1.44 29.22 10.13
CA ASP A 250 -0.35 28.36 9.64
C ASP A 250 -0.59 26.83 9.69
N PHE A 251 -1.61 26.37 8.93
CA PHE A 251 -1.89 24.92 8.85
C PHE A 251 -1.87 24.52 7.39
N ILE A 252 -1.80 23.18 7.20
CA ILE A 252 -1.90 22.55 5.90
C ILE A 252 -3.35 22.07 5.69
N VAL A 253 -3.78 22.18 4.45
CA VAL A 253 -5.14 21.78 4.02
C VAL A 253 -4.89 20.52 3.14
N VAL A 254 -5.65 19.46 3.44
CA VAL A 254 -5.71 18.27 2.59
C VAL A 254 -7.09 18.34 1.93
N GLU A 255 -7.03 18.49 0.61
CA GLU A 255 -8.32 18.48 -0.19
C GLU A 255 -8.45 17.11 -0.87
N ASP A 256 -9.47 16.35 -0.44
CA ASP A 256 -9.62 14.97 -0.99
C ASP A 256 -10.81 15.05 -1.96
N ASP A 257 -10.52 14.80 -3.25
CA ASP A 257 -11.51 15.00 -4.32
C ASP A 257 -11.69 13.78 -5.26
N PRO A 258 -12.38 12.73 -4.76
CA PRO A 258 -12.67 11.61 -5.66
C PRO A 258 -13.77 11.84 -6.70
N TYR A 259 -14.66 12.82 -6.42
CA TYR A 259 -16.00 12.86 -7.03
C TYR A 259 -16.20 14.06 -7.95
N GLY A 260 -15.24 14.99 -8.06
CA GLY A 260 -15.57 16.29 -8.76
C GLY A 260 -15.98 16.14 -10.22
N GLU A 261 -15.54 15.10 -10.92
CA GLU A 261 -15.97 14.87 -12.30
C GLU A 261 -17.35 14.25 -12.34
N LEU A 262 -17.90 13.70 -11.25
CA LEU A 262 -19.24 13.10 -11.30
C LEU A 262 -20.28 14.19 -10.96
N ARG A 263 -20.27 15.25 -11.77
CA ARG A 263 -21.21 16.34 -11.63
C ARG A 263 -22.44 16.18 -12.51
N TYR A 264 -23.62 16.25 -11.92
CA TYR A 264 -24.86 16.02 -12.65
C TYR A 264 -25.64 17.30 -12.88
N SER A 265 -25.33 18.33 -12.09
CA SER A 265 -26.07 19.59 -12.26
C SER A 265 -25.18 20.69 -11.78
N GLY A 266 -25.52 21.93 -12.07
CA GLY A 266 -24.69 23.03 -11.69
C GLY A 266 -23.43 23.18 -12.45
N ASN A 267 -22.65 24.14 -11.96
CA ASN A 267 -21.42 24.46 -12.66
C ASN A 267 -20.24 24.05 -11.83
N PRO A 268 -19.09 23.73 -12.47
CA PRO A 268 -17.88 23.27 -11.76
C PRO A 268 -17.38 24.29 -10.75
N GLU A 269 -17.09 23.80 -9.54
CA GLU A 269 -16.41 24.54 -8.52
C GLU A 269 -14.95 24.76 -8.89
N LYS A 270 -14.29 25.75 -8.24
CA LYS A 270 -12.80 25.91 -8.26
C LYS A 270 -12.25 25.00 -7.17
N LYS A 271 -11.27 24.22 -7.56
CA LYS A 271 -10.62 23.39 -6.54
C LYS A 271 -9.92 24.32 -5.54
N ILE A 272 -9.97 23.91 -4.30
CA ILE A 272 -9.19 24.71 -3.27
C ILE A 272 -7.74 24.81 -3.75
N LYS A 273 -7.22 23.70 -4.28
CA LYS A 273 -5.87 23.66 -4.71
C LYS A 273 -5.61 24.71 -5.86
N ALA A 274 -6.61 24.97 -6.68
CA ALA A 274 -6.46 25.97 -7.75
C ALA A 274 -6.39 27.40 -7.20
N LEU A 275 -6.86 27.58 -5.98
CA LEU A 275 -6.77 28.89 -5.27
C LEU A 275 -5.55 29.05 -4.37
N ASP A 276 -4.71 28.01 -4.32
CA ASP A 276 -3.65 27.91 -3.36
C ASP A 276 -2.34 28.56 -3.82
N ASN A 277 -2.23 29.83 -3.45
CA ASN A 277 -1.09 30.64 -3.75
C ASN A 277 0.14 30.35 -2.93
N GLU A 278 -0.06 29.81 -1.72
CA GLU A 278 1.01 29.55 -0.75
C GLU A 278 1.62 28.17 -0.73
N GLY A 279 1.04 27.22 -1.50
CA GLY A 279 1.52 25.86 -1.45
C GLY A 279 1.08 25.10 -0.19
N ARG A 280 0.02 25.54 0.48
CA ARG A 280 -0.45 24.90 1.68
C ARG A 280 -1.42 23.75 1.45
N VAL A 281 -1.87 23.56 0.23
CA VAL A 281 -2.91 22.51 0.01
C VAL A 281 -2.21 21.28 -0.57
N ILE A 282 -2.61 20.12 -0.07
CA ILE A 282 -2.21 18.81 -0.66
C ILE A 282 -3.48 18.29 -1.28
N TYR A 283 -3.50 18.13 -2.61
CA TYR A 283 -4.71 17.69 -3.38
C TYR A 283 -4.63 16.19 -3.69
N LEU A 284 -5.71 15.49 -3.34
CA LEU A 284 -5.73 14.01 -3.56
C LEU A 284 -6.74 13.69 -4.65
N GLY A 285 -6.30 12.98 -5.66
CA GLY A 285 -7.24 12.50 -6.59
C GLY A 285 -7.14 11.01 -6.73
N THR A 286 -8.15 10.46 -7.42
CA THR A 286 -8.13 9.00 -7.61
C THR A 286 -8.79 8.59 -8.93
N PHE A 287 -8.33 7.44 -9.50
CA PHE A 287 -9.07 6.87 -10.65
C PHE A 287 -10.23 6.00 -10.22
N SER A 288 -10.51 5.90 -8.95
CA SER A 288 -11.47 4.88 -8.55
C SER A 288 -12.90 5.12 -9.12
N LYS A 289 -13.32 6.38 -9.17
CA LYS A 289 -14.69 6.72 -9.59
C LYS A 289 -14.77 7.41 -10.96
N ILE A 290 -13.68 7.31 -11.72
CA ILE A 290 -13.58 7.87 -13.05
C ILE A 290 -13.03 6.86 -14.07
N LEU A 291 -12.48 5.76 -13.56
CA LEU A 291 -11.92 4.67 -14.41
C LEU A 291 -12.55 3.41 -13.84
N ALA A 292 -11.98 2.89 -12.76
CA ALA A 292 -12.53 1.77 -12.00
C ALA A 292 -11.64 1.69 -10.74
N PRO A 293 -12.20 1.16 -9.64
CA PRO A 293 -11.32 1.11 -8.45
C PRO A 293 -10.26 0.05 -8.49
N GLY A 294 -10.45 -0.99 -9.34
CA GLY A 294 -9.65 -2.25 -9.27
C GLY A 294 -8.13 -2.07 -9.54
N PHE A 295 -7.77 -0.97 -10.18
CA PHE A 295 -6.34 -0.70 -10.44
C PHE A 295 -5.65 -0.10 -9.28
N ARG A 296 -6.38 0.47 -8.31
CA ARG A 296 -5.82 1.07 -7.10
C ARG A 296 -4.72 2.10 -7.40
N ILE A 297 -5.10 3.12 -8.14
CA ILE A 297 -4.18 4.16 -8.55
C ILE A 297 -4.79 5.48 -8.14
N GLY A 298 -3.99 6.27 -7.37
CA GLY A 298 -4.46 7.63 -6.99
C GLY A 298 -3.27 8.55 -7.12
N TRP A 299 -3.51 9.84 -6.79
CA TRP A 299 -2.33 10.79 -6.88
C TRP A 299 -2.42 11.84 -5.76
N MET A 300 -1.27 12.44 -5.47
CA MET A 300 -1.16 13.41 -4.39
C MET A 300 -0.33 14.56 -5.02
N VAL A 301 -0.84 15.83 -4.99
CA VAL A 301 -0.18 16.98 -5.62
C VAL A 301 0.02 18.03 -4.53
N GLY A 302 1.24 18.54 -4.41
CA GLY A 302 1.47 19.58 -3.36
C GLY A 302 2.89 20.08 -3.45
N ASP A 303 3.25 20.84 -2.46
CA ASP A 303 4.57 21.48 -2.35
C ASP A 303 5.65 20.40 -2.56
N PRO A 304 6.75 20.68 -3.30
CA PRO A 304 7.75 19.64 -3.56
C PRO A 304 8.46 19.18 -2.33
N GLY A 305 8.63 20.02 -1.29
CA GLY A 305 9.25 19.55 -0.01
C GLY A 305 8.38 18.51 0.71
N ILE A 306 7.08 18.72 0.59
CA ILE A 306 6.11 17.79 1.18
C ILE A 306 6.13 16.49 0.41
N ILE A 307 6.10 16.59 -0.90
CA ILE A 307 6.01 15.40 -1.72
C ILE A 307 7.26 14.57 -1.58
N ARG A 308 8.41 15.24 -1.49
CA ARG A 308 9.64 14.45 -1.25
C ARG A 308 9.62 13.60 0.00
N LYS A 309 9.13 14.15 1.12
CA LYS A 309 9.03 13.41 2.35
C LYS A 309 7.99 12.26 2.20
N MET A 310 6.91 12.51 1.43
CA MET A 310 5.90 11.49 1.26
C MET A 310 6.48 10.30 0.48
N GLU A 311 7.34 10.61 -0.50
CA GLU A 311 8.02 9.57 -1.31
C GLU A 311 8.88 8.69 -0.45
N ILE A 312 9.67 9.29 0.45
CA ILE A 312 10.46 8.48 1.35
C ILE A 312 9.61 7.61 2.29
N ALA A 313 8.48 8.18 2.79
CA ALA A 313 7.65 7.41 3.70
C ALA A 313 7.03 6.22 2.94
N LYS A 314 6.66 6.49 1.70
CA LYS A 314 5.96 5.44 0.91
C LYS A 314 6.91 4.30 0.57
N GLN A 315 8.19 4.61 0.32
CA GLN A 315 9.14 3.60 -0.18
C GLN A 315 9.12 2.30 0.64
N SER A 316 9.04 2.47 1.93
CA SER A 316 9.04 1.37 2.92
C SER A 316 7.72 0.66 3.08
N THR A 317 6.62 1.39 2.83
CA THR A 317 5.27 0.80 2.95
C THR A 317 4.88 -0.13 1.80
N ASP A 318 5.29 0.18 0.59
CA ASP A 318 5.00 -0.65 -0.54
C ASP A 318 6.13 -0.20 -1.43
N LEU A 319 6.61 -0.87 -2.39
CA LEU A 319 7.86 -0.32 -2.91
C LEU A 319 7.46 0.74 -3.94
N CYS A 320 6.43 0.41 -4.68
CA CYS A 320 5.84 1.32 -5.63
C CYS A 320 4.39 0.90 -5.79
N THR A 321 3.56 1.81 -6.25
CA THR A 321 2.25 1.47 -6.70
C THR A 321 2.29 0.64 -7.97
N ASN A 322 1.37 -0.28 -8.10
CA ASN A 322 1.51 -1.21 -9.19
C ASN A 322 1.64 -0.53 -10.55
N VAL A 323 2.70 -0.88 -11.25
CA VAL A 323 3.09 -0.12 -12.42
C VAL A 323 2.14 -0.46 -13.55
N PHE A 324 1.67 -1.70 -13.56
CA PHE A 324 0.76 -2.14 -14.60
C PHE A 324 -0.46 -1.24 -14.64
N GLY A 325 -1.12 -1.07 -13.50
CA GLY A 325 -2.24 -0.14 -13.45
C GLY A 325 -1.84 1.33 -13.74
N GLN A 326 -0.63 1.76 -13.33
CA GLN A 326 -0.19 3.10 -13.74
C GLN A 326 -0.06 3.30 -15.25
N VAL A 327 0.39 2.27 -15.92
CA VAL A 327 0.44 2.39 -17.41
C VAL A 327 -0.95 2.41 -18.02
N VAL A 328 -1.89 1.63 -17.51
CA VAL A 328 -3.29 1.64 -17.95
C VAL A 328 -3.79 3.06 -17.74
N ALA A 329 -3.66 3.60 -16.52
CA ALA A 329 -4.14 4.96 -16.24
C ALA A 329 -3.50 6.06 -17.12
N TRP A 330 -2.21 5.92 -17.40
CA TRP A 330 -1.51 6.82 -18.30
C TRP A 330 -2.20 6.76 -19.70
N ARG A 331 -2.32 5.56 -20.27
CA ARG A 331 -3.03 5.55 -21.57
C ARG A 331 -4.43 6.13 -21.47
N TYR A 332 -5.19 5.82 -20.42
CA TYR A 332 -6.53 6.32 -20.26
C TYR A 332 -6.54 7.84 -20.28
N VAL A 333 -5.59 8.50 -19.61
CA VAL A 333 -5.63 9.98 -19.65
C VAL A 333 -5.04 10.50 -20.98
N ASP A 334 -3.82 10.06 -21.25
CA ASP A 334 -3.11 10.67 -22.37
C ASP A 334 -3.78 10.40 -23.71
N GLY A 335 -4.44 9.25 -23.81
CA GLY A 335 -5.18 8.87 -25.06
C GLY A 335 -6.48 9.56 -25.26
N GLY A 336 -6.84 10.44 -24.32
CA GLY A 336 -8.09 11.22 -24.35
C GLY A 336 -9.33 10.49 -23.89
N TYR A 337 -9.21 9.22 -23.37
CA TYR A 337 -10.37 8.44 -23.07
C TYR A 337 -11.03 8.93 -21.80
N LEU A 338 -10.25 9.43 -20.84
CA LEU A 338 -10.89 9.95 -19.62
C LEU A 338 -11.86 11.09 -19.96
N GLU A 339 -11.39 12.01 -20.79
CA GLU A 339 -12.18 13.21 -21.13
C GLU A 339 -13.44 12.78 -21.85
N LYS A 340 -13.36 11.76 -22.68
CA LYS A 340 -14.51 11.21 -23.39
C LYS A 340 -15.50 10.40 -22.55
N HIS A 341 -14.98 9.71 -21.54
CA HIS A 341 -15.82 8.86 -20.75
C HIS A 341 -16.61 9.57 -19.63
N ILE A 342 -16.03 10.63 -19.08
CA ILE A 342 -16.68 11.37 -18.00
C ILE A 342 -18.13 11.69 -18.29
N PRO A 343 -18.43 12.23 -19.50
CA PRO A 343 -19.87 12.55 -19.74
C PRO A 343 -20.78 11.30 -19.71
N GLU A 344 -20.27 10.10 -19.98
CA GLU A 344 -21.07 8.89 -19.92
C GLU A 344 -21.28 8.43 -18.50
N ILE A 345 -20.24 8.65 -17.62
CA ILE A 345 -20.47 8.39 -16.22
C ILE A 345 -21.58 9.31 -15.71
N ARG A 346 -21.46 10.58 -16.07
CA ARG A 346 -22.47 11.56 -15.61
C ARG A 346 -23.92 11.24 -16.04
N LYS A 347 -24.09 10.76 -17.29
CA LYS A 347 -25.44 10.50 -17.81
C LYS A 347 -26.00 9.29 -17.13
N PHE A 348 -25.10 8.39 -16.71
CA PHE A 348 -25.46 7.17 -16.05
C PHE A 348 -26.01 7.44 -14.64
N TYR A 349 -25.24 8.19 -13.90
CA TYR A 349 -25.61 8.35 -12.48
C TYR A 349 -26.69 9.40 -12.26
N LYS A 350 -26.77 10.40 -13.12
CA LYS A 350 -27.73 11.51 -12.86
C LYS A 350 -29.18 11.00 -12.59
N PRO A 351 -29.70 10.12 -13.46
CA PRO A 351 -31.10 9.70 -13.21
C PRO A 351 -31.29 8.87 -11.93
N ARG A 352 -30.20 8.28 -11.45
CA ARG A 352 -30.25 7.52 -10.20
C ARG A 352 -30.29 8.47 -9.02
N ARG A 353 -29.51 9.55 -9.11
CA ARG A 353 -29.64 10.59 -8.07
C ARG A 353 -31.11 11.09 -8.06
N ASP A 354 -31.54 11.40 -9.28
CA ASP A 354 -32.84 12.07 -9.39
C ASP A 354 -33.97 11.18 -8.91
N ALA A 355 -33.88 9.86 -9.21
CA ALA A 355 -34.90 8.93 -8.70
C ALA A 355 -34.90 8.89 -7.19
N MET A 356 -33.70 8.89 -6.60
CA MET A 356 -33.71 8.81 -5.16
C MET A 356 -34.27 10.08 -4.56
N LEU A 357 -33.95 11.25 -5.12
CA LEU A 357 -34.47 12.52 -4.61
C LEU A 357 -35.97 12.63 -4.80
N GLU A 358 -36.47 12.06 -5.89
CA GLU A 358 -37.96 12.01 -6.07
C GLU A 358 -38.64 11.14 -5.04
N ALA A 359 -38.05 9.96 -4.77
CA ALA A 359 -38.67 9.01 -3.87
C ALA A 359 -38.65 9.62 -2.45
N LEU A 360 -37.54 10.26 -2.08
CA LEU A 360 -37.50 10.78 -0.73
C LEU A 360 -38.62 11.83 -0.58
N GLU A 361 -38.75 12.72 -1.53
CA GLU A 361 -39.74 13.81 -1.42
C GLU A 361 -41.16 13.22 -1.35
N GLU A 362 -41.40 12.17 -2.11
CA GLU A 362 -42.75 11.59 -2.17
C GLU A 362 -43.04 10.83 -0.93
N PHE A 363 -42.06 10.08 -0.36
CA PHE A 363 -42.36 9.05 0.65
C PHE A 363 -42.02 9.41 2.10
N MET A 364 -41.06 10.32 2.29
CA MET A 364 -40.53 10.56 3.64
C MET A 364 -41.55 11.36 4.44
N PRO A 365 -41.71 11.03 5.71
CA PRO A 365 -42.67 11.81 6.52
C PRO A 365 -42.07 13.16 6.96
N GLU A 366 -42.93 14.02 7.51
CA GLU A 366 -42.51 15.35 7.88
C GLU A 366 -41.45 15.19 8.97
N GLY A 367 -40.51 16.11 8.92
CA GLY A 367 -39.49 16.12 9.90
C GLY A 367 -38.22 15.51 9.35
N VAL A 368 -38.32 14.66 8.34
CA VAL A 368 -37.09 14.08 7.74
C VAL A 368 -36.49 15.06 6.75
N LYS A 369 -35.13 15.21 6.74
CA LYS A 369 -34.47 16.17 5.84
C LYS A 369 -33.35 15.41 5.15
N TRP A 370 -32.95 15.93 4.00
CA TRP A 370 -31.86 15.31 3.26
C TRP A 370 -31.17 16.29 2.42
N THR A 371 -29.89 15.98 2.20
CA THR A 371 -29.12 16.79 1.27
C THR A 371 -29.49 16.59 -0.21
N LYS A 372 -29.14 17.60 -0.98
CA LYS A 372 -29.44 17.67 -2.41
C LYS A 372 -28.16 17.85 -3.22
N PRO A 373 -27.41 16.74 -3.43
CA PRO A 373 -26.13 16.79 -4.02
C PRO A 373 -26.16 17.21 -5.46
N GLU A 374 -25.19 17.94 -5.93
CA GLU A 374 -25.07 18.24 -7.35
C GLU A 374 -24.30 17.18 -8.12
N GLY A 375 -23.81 16.12 -7.37
CA GLY A 375 -22.92 15.20 -7.98
C GLY A 375 -22.58 14.12 -7.00
N GLY A 376 -21.65 13.24 -7.42
CA GLY A 376 -21.19 12.16 -6.46
C GLY A 376 -22.06 10.97 -6.32
N MET A 377 -21.99 10.37 -5.11
CA MET A 377 -22.59 9.02 -4.99
C MET A 377 -23.61 8.93 -3.86
N PHE A 378 -23.80 10.00 -3.04
CA PHE A 378 -24.43 9.84 -1.72
C PHE A 378 -25.44 10.96 -1.46
N ILE A 379 -26.49 10.53 -0.77
CA ILE A 379 -27.44 11.48 -0.14
C ILE A 379 -27.47 11.18 1.36
N TRP A 380 -27.48 12.30 2.11
CA TRP A 380 -27.37 12.23 3.53
C TRP A 380 -28.63 12.66 4.22
N VAL A 381 -29.15 11.82 5.10
CA VAL A 381 -30.53 12.01 5.66
C VAL A 381 -30.45 12.30 7.13
N THR A 382 -31.27 13.25 7.62
CA THR A 382 -31.32 13.60 9.03
C THR A 382 -32.74 13.30 9.55
N LEU A 383 -32.84 12.51 10.57
CA LEU A 383 -34.12 12.10 11.22
C LEU A 383 -34.57 13.06 12.29
N PRO A 384 -35.90 13.24 12.44
CA PRO A 384 -36.40 14.16 13.50
C PRO A 384 -36.58 13.38 14.79
N ASP A 385 -37.05 14.09 15.86
CA ASP A 385 -37.45 13.50 17.17
C ASP A 385 -36.38 12.64 17.86
N GLY A 386 -35.11 12.89 17.63
CA GLY A 386 -34.07 12.08 18.26
C GLY A 386 -34.06 10.60 17.95
N ILE A 387 -34.50 10.21 16.77
CA ILE A 387 -34.31 8.82 16.40
C ILE A 387 -32.81 8.54 16.29
N ASP A 388 -32.41 7.37 16.79
CA ASP A 388 -31.04 6.92 16.68
C ASP A 388 -31.03 5.98 15.48
N SER A 389 -30.34 6.42 14.40
CA SER A 389 -30.35 5.60 13.19
C SER A 389 -29.54 4.33 13.30
N LYS A 390 -28.61 4.26 14.27
CA LYS A 390 -27.96 3.00 14.45
C LYS A 390 -28.88 1.89 15.07
N LYS A 391 -29.62 2.27 16.12
CA LYS A 391 -30.67 1.41 16.71
C LYS A 391 -31.72 1.08 15.69
N MET A 392 -32.06 2.06 14.85
CA MET A 392 -33.13 1.87 13.78
C MET A 392 -32.71 0.89 12.69
N LEU A 393 -31.42 0.67 12.50
CA LEU A 393 -30.96 -0.20 11.40
C LEU A 393 -31.60 -1.60 11.48
N GLU A 394 -31.82 -2.10 12.73
CA GLU A 394 -32.41 -3.40 13.00
C GLU A 394 -33.78 -3.49 12.32
N ARG A 395 -34.54 -2.43 12.53
CA ARG A 395 -35.92 -2.31 12.08
C ARG A 395 -35.91 -2.22 10.55
N ALA A 396 -34.98 -1.40 10.05
CA ALA A 396 -34.85 -1.24 8.62
C ALA A 396 -34.56 -2.58 7.89
N ILE A 397 -33.60 -3.39 8.38
CA ILE A 397 -33.24 -4.64 7.75
C ILE A 397 -34.43 -5.62 7.75
N LYS A 398 -35.18 -5.67 8.85
CA LYS A 398 -36.44 -6.44 8.91
C LYS A 398 -37.48 -5.96 7.91
N LYS A 399 -37.46 -4.71 7.51
CA LYS A 399 -38.40 -4.26 6.44
C LYS A 399 -37.78 -4.26 5.03
N GLY A 400 -36.58 -4.83 4.93
CA GLY A 400 -35.95 -5.09 3.65
C GLY A 400 -35.09 -3.97 3.08
N VAL A 401 -34.52 -3.11 3.96
CA VAL A 401 -33.63 -2.08 3.47
C VAL A 401 -32.45 -1.85 4.42
N ALA A 402 -31.36 -1.33 3.88
CA ALA A 402 -30.24 -1.06 4.73
C ALA A 402 -29.62 0.30 4.28
N TYR A 403 -28.86 0.92 5.21
CA TYR A 403 -28.20 2.20 4.97
C TYR A 403 -27.03 2.19 5.96
N VAL A 404 -26.13 3.18 5.82
CA VAL A 404 -25.03 3.24 6.83
C VAL A 404 -25.48 4.27 7.88
N PRO A 405 -25.51 3.89 9.18
CA PRO A 405 -25.82 4.84 10.19
C PRO A 405 -24.69 5.92 10.20
N GLY A 406 -25.02 7.19 10.40
CA GLY A 406 -24.05 8.24 10.25
C GLY A 406 -23.07 8.37 11.42
N GLU A 407 -23.35 7.69 12.57
CA GLU A 407 -22.48 7.94 13.79
C GLU A 407 -20.99 7.81 13.55
N ALA A 408 -20.62 6.77 12.79
CA ALA A 408 -19.13 6.46 12.58
C ALA A 408 -18.47 7.48 11.70
N PHE A 409 -19.29 8.25 10.97
CA PHE A 409 -18.69 9.36 10.22
C PHE A 409 -18.35 10.65 11.04
N TYR A 410 -18.62 10.62 12.33
CA TYR A 410 -18.28 11.78 13.18
C TYR A 410 -17.10 11.39 14.07
N ALA A 411 -16.07 12.23 14.12
CA ALA A 411 -14.82 11.86 14.81
C ALA A 411 -15.12 11.59 16.30
N HIS A 412 -16.08 12.37 16.82
CA HIS A 412 -16.56 12.24 18.24
C HIS A 412 -17.77 11.32 18.42
N ARG A 413 -18.17 10.74 17.31
CA ARG A 413 -19.32 9.87 17.29
C ARG A 413 -20.45 10.49 18.07
N ASP A 414 -20.71 11.78 17.90
CA ASP A 414 -21.67 12.35 18.77
C ASP A 414 -23.02 12.69 18.18
N VAL A 415 -23.23 12.34 16.92
CA VAL A 415 -24.49 12.69 16.23
C VAL A 415 -25.11 11.35 15.85
N LYS A 416 -26.34 11.12 16.24
CA LYS A 416 -26.91 9.77 16.17
C LYS A 416 -28.11 9.63 15.20
N ASN A 417 -28.56 10.74 14.65
CA ASN A 417 -29.85 10.80 13.90
C ASN A 417 -29.64 10.95 12.35
N THR A 418 -28.45 10.53 11.86
CA THR A 418 -28.11 10.67 10.42
C THR A 418 -27.88 9.33 9.73
N MET A 419 -27.96 9.36 8.37
CA MET A 419 -27.77 8.15 7.54
C MET A 419 -27.14 8.51 6.21
N ARG A 420 -26.24 7.66 5.74
CA ARG A 420 -25.76 7.82 4.39
C ARG A 420 -26.46 6.81 3.43
N LEU A 421 -27.00 7.36 2.34
CA LEU A 421 -27.63 6.56 1.27
C LEU A 421 -26.78 6.68 0.04
N ASN A 422 -26.69 5.57 -0.66
CA ASN A 422 -25.97 5.53 -1.93
C ASN A 422 -26.99 5.25 -3.09
N PHE A 423 -26.81 5.98 -4.20
CA PHE A 423 -27.73 5.77 -5.35
C PHE A 423 -26.99 5.20 -6.56
N THR A 424 -25.67 4.93 -6.49
CA THR A 424 -24.87 4.51 -7.68
C THR A 424 -25.08 3.05 -8.02
N TYR A 425 -25.34 2.27 -7.00
CA TYR A 425 -25.29 0.83 -7.20
C TYR A 425 -26.28 -0.01 -6.41
N VAL A 426 -27.55 0.27 -6.53
CA VAL A 426 -28.60 -0.73 -6.26
C VAL A 426 -29.23 -0.76 -7.66
N ASP A 427 -30.05 -1.74 -8.06
CA ASP A 427 -30.86 -1.56 -9.32
C ASP A 427 -31.70 -0.27 -9.26
N GLU A 428 -31.73 0.46 -10.38
CA GLU A 428 -32.49 1.74 -10.48
C GLU A 428 -34.02 1.74 -10.17
N ASP A 429 -34.63 0.60 -9.79
CA ASP A 429 -36.10 0.39 -9.53
C ASP A 429 -36.19 0.03 -8.02
N LYS A 430 -35.01 -0.42 -7.58
CA LYS A 430 -34.89 -0.80 -6.25
C LYS A 430 -34.64 0.51 -5.49
N ILE A 431 -34.21 1.60 -6.17
CA ILE A 431 -34.08 2.91 -5.42
C ILE A 431 -35.46 3.30 -4.88
N MET A 432 -36.47 3.29 -5.76
CA MET A 432 -37.81 3.74 -5.28
C MET A 432 -38.32 2.82 -4.20
N GLU A 433 -38.14 1.53 -4.40
CA GLU A 433 -38.72 0.59 -3.43
C GLU A 433 -37.93 0.65 -2.08
N GLY A 434 -36.61 0.82 -2.21
CA GLY A 434 -35.75 1.04 -1.02
C GLY A 434 -36.13 2.21 -0.21
N ILE A 435 -36.35 3.35 -0.87
CA ILE A 435 -36.62 4.61 -0.20
C ILE A 435 -38.01 4.43 0.43
N LYS A 436 -38.96 3.79 -0.27
CA LYS A 436 -40.25 3.57 0.38
C LYS A 436 -40.17 2.74 1.64
N ARG A 437 -39.43 1.66 1.59
CA ARG A 437 -39.21 0.79 2.78
C ARG A 437 -38.56 1.58 3.95
N LEU A 438 -37.55 2.38 3.60
CA LEU A 438 -36.93 3.26 4.62
C LEU A 438 -37.95 4.25 5.23
N ALA A 439 -38.77 4.88 4.40
CA ALA A 439 -39.76 5.82 4.83
C ALA A 439 -40.72 5.11 5.75
N GLU A 440 -41.17 3.92 5.38
CA GLU A 440 -42.11 3.25 6.29
C GLU A 440 -41.43 2.82 7.61
N THR A 441 -40.13 2.52 7.54
CA THR A 441 -39.41 2.14 8.76
C THR A 441 -39.37 3.35 9.70
N ILE A 442 -39.10 4.55 9.18
CA ILE A 442 -39.04 5.78 9.94
C ILE A 442 -40.43 6.11 10.53
N LYS A 443 -41.50 5.95 9.74
CA LYS A 443 -42.84 6.14 10.31
C LYS A 443 -43.07 5.26 11.51
N GLU A 444 -42.72 3.98 11.43
CA GLU A 444 -42.91 3.04 12.53
C GLU A 444 -42.05 3.38 13.72
N GLU A 445 -40.79 3.71 13.44
CA GLU A 445 -39.90 4.16 14.48
C GLU A 445 -40.48 5.36 15.27
N LEU A 446 -41.01 6.37 14.58
CA LEU A 446 -41.64 7.55 15.18
C LEU A 446 -42.87 7.30 16.08
N LYS A 447 -43.50 6.12 16.00
CA LYS A 447 -44.72 5.93 16.81
C LYS A 447 -44.55 5.07 18.09
N ALA A 448 -45.33 5.43 19.11
CA ALA A 448 -45.30 4.88 20.48
C ALA A 448 -44.07 4.02 20.81
N SER B 45 11.20 24.10 -1.15
CA SER B 45 9.76 24.21 -0.70
C SER B 45 9.20 25.68 -0.58
N MET B 46 7.96 25.90 -1.00
CA MET B 46 7.43 27.28 -0.96
C MET B 46 6.81 27.68 0.40
N LEU B 47 6.86 26.74 1.34
CA LEU B 47 6.42 26.97 2.71
C LEU B 47 7.62 27.31 3.61
N GLY B 48 8.82 27.41 3.02
CA GLY B 48 10.07 27.69 3.75
C GLY B 48 10.55 26.54 4.61
N ASP B 49 10.39 26.70 5.92
CA ASP B 49 10.81 25.66 6.83
C ASP B 49 9.64 24.65 6.85
N VAL B 50 9.45 23.88 5.78
CA VAL B 50 8.36 22.88 5.73
C VAL B 50 8.46 21.81 6.85
N GLU B 51 9.69 21.57 7.31
CA GLU B 51 9.97 20.73 8.42
C GLU B 51 9.16 21.07 9.63
N ARG B 52 8.66 22.31 9.74
CA ARG B 52 7.88 22.63 10.96
C ARG B 52 6.62 21.80 11.06
N PHE B 53 6.19 21.21 9.94
CA PHE B 53 4.91 20.48 9.96
C PHE B 53 5.09 18.95 10.21
N PHE B 54 6.34 18.53 10.04
CA PHE B 54 6.66 17.07 9.97
C PHE B 54 6.67 16.39 11.29
N SER B 55 6.16 15.15 11.31
CA SER B 55 6.25 14.32 12.52
C SER B 55 7.70 13.95 12.90
N LYS B 56 7.83 13.43 14.09
CA LYS B 56 9.14 12.96 14.60
C LYS B 56 9.70 11.92 13.65
N LYS B 57 8.87 10.98 13.24
CA LYS B 57 9.44 9.96 12.34
C LYS B 57 9.76 10.49 10.98
N ALA B 58 8.98 11.45 10.48
CA ALA B 58 9.31 12.00 9.17
C ALA B 58 10.61 12.80 9.27
N LEU B 59 10.86 13.47 10.42
CA LEU B 59 12.11 14.25 10.49
C LEU B 59 13.32 13.30 10.51
N GLU B 60 13.17 12.07 10.93
CA GLU B 60 14.26 11.07 10.89
C GLU B 60 14.34 10.26 9.58
N MET B 61 13.41 10.46 8.64
CA MET B 61 13.51 9.85 7.27
C MET B 61 14.46 10.65 6.38
N ARG B 62 15.32 9.91 5.70
CA ARG B 62 16.36 10.55 4.90
C ARG B 62 16.51 9.74 3.59
N ALA B 63 16.93 10.43 2.54
CA ALA B 63 17.35 9.80 1.27
C ALA B 63 18.74 9.22 1.54
N SER B 64 19.07 8.15 0.85
CA SER B 64 20.37 7.53 1.03
C SER B 64 21.29 8.01 -0.08
N GLU B 65 22.44 8.60 0.29
CA GLU B 65 23.48 9.04 -0.66
C GLU B 65 23.84 7.93 -1.65
N VAL B 66 24.07 6.71 -1.13
CA VAL B 66 24.48 5.63 -2.06
C VAL B 66 23.33 5.22 -2.97
N ARG B 67 22.14 5.13 -2.41
CA ARG B 67 20.98 4.78 -3.24
C ARG B 67 20.80 5.79 -4.35
N GLU B 68 21.01 7.07 -4.05
CA GLU B 68 20.80 8.13 -5.06
C GLU B 68 21.87 8.03 -6.16
N LEU B 69 23.12 7.86 -5.73
CA LEU B 69 24.22 7.59 -6.65
C LEU B 69 23.88 6.40 -7.55
N LEU B 70 23.51 5.27 -6.96
CA LEU B 70 23.25 4.09 -7.78
C LEU B 70 22.11 4.34 -8.79
N LYS B 71 21.21 5.27 -8.49
CA LYS B 71 20.10 5.52 -9.43
C LYS B 71 20.66 6.14 -10.67
N LEU B 72 21.61 7.04 -10.47
CA LEU B 72 22.25 7.78 -11.54
C LEU B 72 23.10 6.81 -12.39
N VAL B 73 23.79 5.90 -11.71
CA VAL B 73 24.57 4.85 -12.38
C VAL B 73 23.75 3.97 -13.33
N GLU B 74 22.53 3.62 -12.95
CA GLU B 74 21.73 2.72 -13.78
C GLU B 74 21.37 3.39 -15.12
N THR B 75 21.13 4.70 -15.12
CA THR B 75 20.91 5.43 -16.36
C THR B 75 22.06 5.21 -17.38
N SER B 76 23.30 5.35 -16.90
CA SER B 76 24.49 5.48 -17.76
C SER B 76 25.03 4.19 -18.37
N ASP B 77 26.26 4.27 -18.91
CA ASP B 77 26.88 3.13 -19.61
C ASP B 77 27.85 2.23 -18.78
N ILE B 78 27.96 2.52 -17.47
CA ILE B 78 28.61 1.65 -16.46
C ILE B 78 27.94 0.27 -16.44
N ILE B 79 28.71 -0.79 -16.23
CA ILE B 79 28.16 -2.11 -16.01
C ILE B 79 27.71 -2.17 -14.53
N SER B 80 26.40 -2.06 -14.33
CA SER B 80 25.93 -2.17 -12.93
C SER B 80 25.61 -3.58 -12.48
N LEU B 81 26.20 -3.99 -11.38
CA LEU B 81 25.86 -5.25 -10.69
C LEU B 81 25.10 -4.91 -9.41
N ALA B 82 24.64 -3.67 -9.30
CA ALA B 82 23.92 -3.18 -8.12
C ALA B 82 22.44 -3.35 -8.06
N GLY B 83 21.83 -3.82 -9.16
CA GLY B 83 20.36 -3.89 -9.28
C GLY B 83 19.79 -4.99 -8.43
N GLY B 84 18.52 -4.80 -8.08
CA GLY B 84 17.73 -5.90 -7.47
C GLY B 84 16.50 -6.26 -8.26
N LEU B 85 16.58 -6.06 -9.57
CA LEU B 85 15.44 -6.31 -10.44
C LEU B 85 15.58 -7.64 -11.13
N PRO B 86 14.48 -8.36 -11.33
CA PRO B 86 14.45 -9.53 -12.17
C PRO B 86 14.49 -9.04 -13.70
N ASN B 87 14.81 -9.99 -14.55
CA ASN B 87 15.07 -9.70 -16.00
C ASN B 87 13.77 -9.82 -16.72
N PRO B 88 13.38 -8.79 -17.47
CA PRO B 88 12.04 -8.88 -18.16
C PRO B 88 11.95 -9.99 -19.18
N LYS B 89 13.08 -10.55 -19.63
CA LYS B 89 13.03 -11.77 -20.43
C LYS B 89 12.38 -12.94 -19.74
N THR B 90 12.27 -12.91 -18.41
CA THR B 90 11.58 -13.98 -17.69
C THR B 90 10.11 -13.69 -17.50
N PHE B 91 9.63 -12.51 -17.92
CA PHE B 91 8.19 -12.26 -17.68
C PHE B 91 7.39 -13.04 -18.73
N PRO B 92 6.39 -13.84 -18.29
CA PRO B 92 5.67 -14.68 -19.25
C PRO B 92 4.63 -13.83 -20.05
N LYS B 93 5.13 -13.06 -21.02
CA LYS B 93 4.28 -12.01 -21.65
C LYS B 93 3.19 -12.68 -22.47
N GLU B 94 3.51 -13.73 -23.23
CA GLU B 94 2.33 -14.38 -23.90
C GLU B 94 1.20 -14.92 -23.02
N ILE B 95 1.57 -15.56 -21.93
CA ILE B 95 0.63 -16.06 -20.93
C ILE B 95 -0.13 -14.86 -20.32
N ILE B 96 0.58 -13.78 -20.02
CA ILE B 96 -0.10 -12.63 -19.47
C ILE B 96 -1.12 -12.04 -20.44
N ARG B 97 -0.78 -11.98 -21.71
CA ARG B 97 -1.71 -11.47 -22.71
C ARG B 97 -2.98 -12.34 -22.79
N ASP B 98 -2.81 -13.64 -22.76
CA ASP B 98 -3.94 -14.58 -22.84
C ASP B 98 -4.82 -14.38 -21.59
N ILE B 99 -4.20 -14.20 -20.42
CA ILE B 99 -4.98 -14.00 -19.18
C ILE B 99 -5.70 -12.65 -19.25
N LEU B 100 -5.07 -11.57 -19.78
CA LEU B 100 -5.80 -10.29 -19.81
C LEU B 100 -7.06 -10.42 -20.67
N VAL B 101 -6.91 -11.13 -21.80
CA VAL B 101 -8.05 -11.43 -22.70
C VAL B 101 -9.10 -12.13 -21.91
N GLU B 102 -8.71 -13.19 -21.22
CA GLU B 102 -9.65 -14.01 -20.46
C GLU B 102 -10.38 -13.18 -19.39
N ILE B 103 -9.65 -12.31 -18.70
CA ILE B 103 -10.28 -11.48 -17.72
C ILE B 103 -11.33 -10.54 -18.26
N MET B 104 -11.03 -9.90 -19.37
CA MET B 104 -12.01 -8.97 -19.97
C MET B 104 -13.28 -9.72 -20.48
N GLU B 105 -13.06 -10.95 -20.92
CA GLU B 105 -14.18 -11.84 -21.40
C GLU B 105 -15.07 -12.31 -20.24
N LYS B 106 -14.49 -12.76 -19.14
CA LYS B 106 -15.18 -13.54 -18.15
C LYS B 106 -15.20 -12.95 -16.74
N TYR B 107 -14.22 -12.11 -16.40
CA TYR B 107 -14.05 -11.68 -15.03
C TYR B 107 -13.98 -10.14 -14.85
N ALA B 108 -14.49 -9.39 -15.79
CA ALA B 108 -14.15 -7.96 -15.87
C ALA B 108 -14.63 -7.20 -14.64
N ASP B 109 -15.87 -7.39 -14.29
CA ASP B 109 -16.42 -6.70 -13.09
C ASP B 109 -15.67 -7.08 -11.82
N LYS B 110 -15.28 -8.36 -11.62
CA LYS B 110 -14.56 -8.68 -10.40
C LYS B 110 -13.18 -7.99 -10.43
N ALA B 111 -12.51 -8.00 -11.58
CA ALA B 111 -11.19 -7.43 -11.64
C ALA B 111 -11.18 -5.92 -11.52
N LEU B 112 -12.35 -5.31 -11.85
CA LEU B 112 -12.32 -3.81 -11.88
C LEU B 112 -13.00 -3.15 -10.69
N GLN B 113 -13.67 -3.92 -9.89
CA GLN B 113 -14.34 -3.35 -8.74
C GLN B 113 -13.40 -3.37 -7.51
N TYR B 114 -13.74 -2.55 -6.48
CA TYR B 114 -13.10 -2.71 -5.18
C TYR B 114 -13.21 -4.23 -4.77
N GLY B 115 -12.18 -4.64 -4.05
CA GLY B 115 -12.08 -6.00 -3.46
C GLY B 115 -12.19 -5.93 -1.92
N THR B 116 -12.27 -7.11 -1.31
CA THR B 116 -12.14 -7.13 0.19
C THR B 116 -10.72 -6.93 0.67
N THR B 117 -10.57 -6.40 1.87
CA THR B 117 -9.23 -6.17 2.38
C THR B 117 -8.39 -7.44 2.41
N LYS B 118 -9.01 -8.59 2.74
CA LYS B 118 -8.24 -9.83 2.90
C LYS B 118 -7.69 -10.32 1.56
N GLY B 119 -8.36 -9.99 0.46
CA GLY B 119 -7.88 -10.44 -0.87
C GLY B 119 -9.03 -11.10 -1.65
N PHE B 120 -8.77 -11.31 -2.92
CA PHE B 120 -9.67 -11.98 -3.81
C PHE B 120 -9.78 -13.46 -3.43
N THR B 121 -11.00 -13.90 -3.12
CA THR B 121 -11.12 -15.29 -2.58
C THR B 121 -10.52 -16.38 -3.43
N PRO B 122 -10.74 -16.39 -4.76
CA PRO B 122 -10.14 -17.43 -5.56
C PRO B 122 -8.60 -17.45 -5.56
N LEU B 123 -7.95 -16.26 -5.49
CA LEU B 123 -6.50 -16.25 -5.38
C LEU B 123 -6.06 -16.82 -4.03
N ARG B 124 -6.77 -16.43 -2.94
CA ARG B 124 -6.48 -16.98 -1.61
C ARG B 124 -6.54 -18.52 -1.57
N GLU B 125 -7.61 -19.01 -2.19
CA GLU B 125 -7.86 -20.50 -2.20
C GLU B 125 -6.83 -21.14 -3.05
N THR B 126 -6.54 -20.65 -4.25
CA THR B 126 -5.56 -21.27 -5.12
C THR B 126 -4.14 -21.25 -4.54
N LEU B 127 -3.80 -20.16 -3.88
CA LEU B 127 -2.47 -20.07 -3.21
C LEU B 127 -2.40 -21.08 -2.08
N MET B 128 -3.44 -21.19 -1.27
CA MET B 128 -3.32 -22.17 -0.16
C MET B 128 -3.20 -23.62 -0.70
N LYS B 129 -3.88 -23.94 -1.80
CA LYS B 129 -3.75 -25.28 -2.37
C LYS B 129 -2.35 -25.48 -2.93
N TRP B 130 -1.82 -24.46 -3.57
CA TRP B 130 -0.47 -24.46 -4.11
C TRP B 130 0.58 -24.63 -3.01
N LEU B 131 0.46 -23.86 -1.95
CA LEU B 131 1.41 -23.93 -0.93
C LEU B 131 1.32 -25.26 -0.14
N GLY B 132 0.14 -25.79 -0.10
CA GLY B 132 -0.06 -27.12 0.55
C GLY B 132 0.60 -28.22 -0.25
N LYS B 133 0.27 -28.28 -1.52
CA LYS B 133 0.84 -29.31 -2.39
C LYS B 133 2.30 -29.16 -2.61
N ARG B 134 2.76 -27.96 -2.91
CA ARG B 134 4.14 -27.79 -3.25
C ARG B 134 5.11 -27.84 -2.07
N TYR B 135 4.68 -27.31 -0.94
CA TYR B 135 5.61 -27.11 0.18
C TYR B 135 5.19 -27.83 1.44
N GLY B 136 4.01 -28.42 1.45
CA GLY B 136 3.46 -29.03 2.69
C GLY B 136 3.07 -28.07 3.76
N ILE B 137 2.78 -26.78 3.41
CA ILE B 137 2.23 -25.86 4.38
C ILE B 137 0.82 -26.23 4.81
N SER B 138 0.58 -26.16 6.10
CA SER B 138 -0.70 -26.64 6.68
C SER B 138 -1.90 -25.78 6.28
N GLN B 139 -3.02 -26.39 5.96
CA GLN B 139 -4.24 -25.69 5.61
C GLN B 139 -4.91 -25.04 6.82
N ASP B 140 -4.43 -25.30 8.04
CA ASP B 140 -4.99 -24.60 9.22
C ASP B 140 -4.61 -23.09 9.27
N ASN B 141 -3.66 -22.69 8.45
CA ASN B 141 -3.30 -21.28 8.45
C ASN B 141 -4.33 -20.50 7.65
N ASP B 142 -4.37 -19.19 7.90
CA ASP B 142 -5.12 -18.28 7.03
C ASP B 142 -4.12 -17.53 6.12
N ILE B 143 -4.69 -16.78 5.16
CA ILE B 143 -3.87 -16.10 4.15
C ILE B 143 -4.51 -14.75 3.82
N MET B 144 -3.68 -13.75 3.72
CA MET B 144 -4.15 -12.41 3.34
C MET B 144 -3.24 -12.08 2.09
N ILE B 145 -3.83 -11.39 1.08
CA ILE B 145 -3.08 -10.91 -0.08
C ILE B 145 -2.53 -9.52 0.26
N THR B 146 -1.29 -9.25 -0.08
CA THR B 146 -0.67 -7.97 0.24
C THR B 146 -0.23 -7.27 -1.08
N SER B 147 0.06 -5.95 -0.90
CA SER B 147 0.51 -5.15 -2.07
C SER B 147 2.03 -5.27 -2.22
N GLY B 148 2.44 -6.48 -2.52
CA GLY B 148 3.84 -6.90 -2.41
C GLY B 148 4.17 -7.38 -1.03
N SER B 149 5.21 -8.19 -0.96
CA SER B 149 5.79 -8.49 0.33
C SER B 149 6.26 -7.31 1.12
N GLN B 150 6.61 -6.24 0.44
CA GLN B 150 7.03 -5.09 1.12
C GLN B 150 5.97 -4.58 2.08
N GLN B 151 4.71 -4.58 1.61
CA GLN B 151 3.64 -4.14 2.49
C GLN B 151 3.48 -5.09 3.68
N ALA B 152 3.71 -6.37 3.42
CA ALA B 152 3.64 -7.31 4.53
C ALA B 152 4.61 -6.95 5.67
N LEU B 153 5.80 -6.52 5.30
CA LEU B 153 6.82 -6.12 6.29
C LEU B 153 6.35 -4.89 7.04
N ASP B 154 5.78 -3.90 6.35
CA ASP B 154 5.25 -2.77 7.09
C ASP B 154 4.13 -3.16 8.06
N LEU B 155 3.23 -4.04 7.59
CA LEU B 155 2.10 -4.49 8.44
C LEU B 155 2.64 -5.26 9.66
N ILE B 156 3.67 -6.08 9.44
CA ILE B 156 4.29 -6.82 10.59
C ILE B 156 4.78 -5.77 11.57
N GLY B 157 5.46 -4.73 11.07
CA GLY B 157 5.95 -3.70 12.01
C GLY B 157 4.73 -3.06 12.77
N ARG B 158 3.68 -2.69 12.04
CA ARG B 158 2.53 -2.05 12.70
C ARG B 158 1.90 -2.90 13.77
N VAL B 159 1.74 -4.18 13.45
CA VAL B 159 0.92 -5.07 14.25
C VAL B 159 1.73 -5.56 15.42
N PHE B 160 3.04 -5.70 15.31
CA PHE B 160 3.75 -6.35 16.41
C PHE B 160 4.64 -5.34 17.17
N LEU B 161 5.10 -4.24 16.59
CA LEU B 161 6.22 -3.59 17.23
C LEU B 161 5.85 -2.31 17.95
N ASN B 162 6.10 -2.30 19.26
CA ASN B 162 6.12 -1.09 20.08
C ASN B 162 7.59 -0.58 20.05
N PRO B 163 7.84 0.72 20.33
CA PRO B 163 9.19 1.27 20.35
C PRO B 163 9.99 0.52 21.35
N GLY B 164 11.18 0.13 20.95
CA GLY B 164 12.00 -0.66 21.82
C GLY B 164 11.89 -2.15 21.77
N ASP B 165 10.83 -2.67 21.14
CA ASP B 165 10.73 -4.12 21.04
C ASP B 165 11.90 -4.72 20.24
N ILE B 166 12.28 -5.91 20.62
CA ILE B 166 13.50 -6.48 20.02
C ILE B 166 13.15 -7.38 18.82
N VAL B 167 13.75 -7.07 17.68
CA VAL B 167 13.68 -7.81 16.40
C VAL B 167 15.08 -8.37 16.12
N VAL B 168 15.12 -9.67 15.91
CA VAL B 168 16.38 -10.35 15.47
C VAL B 168 16.34 -10.31 13.94
N VAL B 169 17.45 -9.91 13.35
CA VAL B 169 17.61 -10.06 11.88
C VAL B 169 18.92 -10.81 11.68
N GLU B 170 19.03 -11.38 10.47
CA GLU B 170 20.37 -11.84 10.00
C GLU B 170 21.32 -10.63 9.72
N ALA B 171 22.64 -10.87 9.76
CA ALA B 171 23.63 -9.87 9.39
C ALA B 171 24.45 -10.54 8.25
N PRO B 172 24.25 -10.11 7.00
CA PRO B 172 23.36 -9.03 6.57
C PRO B 172 21.87 -9.51 6.50
N THR B 173 20.96 -8.56 6.26
CA THR B 173 19.56 -8.90 5.93
C THR B 173 19.06 -7.98 4.82
N TYR B 174 17.81 -8.22 4.45
CA TYR B 174 17.15 -7.41 3.39
C TYR B 174 16.97 -5.97 3.81
N LEU B 175 17.59 -5.05 3.09
CA LEU B 175 17.59 -3.67 3.46
C LEU B 175 16.22 -3.08 3.64
N ALA B 176 15.28 -3.38 2.74
CA ALA B 176 13.98 -2.72 2.84
C ALA B 176 13.18 -3.28 4.02
N ALA B 177 13.56 -4.43 4.59
CA ALA B 177 12.89 -4.85 5.79
C ALA B 177 13.32 -3.97 6.98
N LEU B 178 14.63 -3.65 7.06
CA LEU B 178 15.14 -2.75 8.08
C LEU B 178 14.40 -1.41 7.92
N GLN B 179 14.27 -1.02 6.68
CA GLN B 179 13.60 0.28 6.46
C GLN B 179 12.12 0.27 6.84
N ALA B 180 11.43 -0.83 6.59
CA ALA B 180 10.00 -0.98 6.94
C ALA B 180 9.91 -0.95 8.49
N PHE B 181 10.73 -1.77 9.12
CA PHE B 181 10.56 -1.92 10.56
C PHE B 181 11.03 -0.69 11.27
N ASN B 182 11.97 0.07 10.69
CA ASN B 182 12.55 1.22 11.45
C ASN B 182 11.50 2.28 11.83
N PHE B 183 10.44 2.38 11.06
CA PHE B 183 9.35 3.36 11.34
C PHE B 183 8.77 3.10 12.74
N TYR B 184 8.87 1.85 13.23
CA TYR B 184 8.24 1.39 14.48
C TYR B 184 9.28 1.34 15.62
N GLU B 185 10.52 1.77 15.34
CA GLU B 185 11.53 1.99 16.36
C GLU B 185 11.95 0.72 17.18
N PRO B 186 12.11 -0.43 16.51
CA PRO B 186 12.68 -1.57 17.29
C PRO B 186 14.12 -1.38 17.69
N GLN B 187 14.54 -2.24 18.62
CA GLN B 187 15.99 -2.48 18.84
C GLN B 187 16.29 -3.73 18.03
N TYR B 188 17.44 -3.79 17.29
CA TYR B 188 17.82 -5.02 16.62
C TYR B 188 18.87 -5.81 17.30
N ILE B 189 18.77 -7.11 17.14
CA ILE B 189 19.90 -8.01 17.46
C ILE B 189 20.27 -8.67 16.12
N GLN B 190 21.54 -8.65 15.77
CA GLN B 190 22.06 -9.10 14.47
C GLN B 190 22.70 -10.47 14.64
N ILE B 191 22.30 -11.42 13.81
CA ILE B 191 22.89 -12.79 13.97
C ILE B 191 23.72 -13.06 12.62
N PRO B 192 25.03 -13.28 12.74
CA PRO B 192 25.72 -13.53 11.46
C PRO B 192 25.22 -14.74 10.71
N LEU B 193 25.39 -14.63 9.37
CA LEU B 193 25.33 -15.82 8.46
C LEU B 193 26.69 -16.45 8.24
N ASP B 194 26.64 -17.71 7.90
CA ASP B 194 27.76 -18.41 7.29
C ASP B 194 27.26 -19.08 6.02
N ASP B 195 28.01 -19.98 5.43
CA ASP B 195 27.52 -20.58 4.21
C ASP B 195 26.30 -21.45 4.30
N GLU B 196 25.82 -21.67 5.51
CA GLU B 196 24.61 -22.43 5.68
C GLU B 196 23.53 -21.60 6.37
N GLY B 197 23.62 -20.32 6.12
CA GLY B 197 22.60 -19.36 6.60
C GLY B 197 22.82 -18.86 8.02
N MET B 198 21.72 -18.47 8.68
CA MET B 198 21.82 -17.86 10.05
C MET B 198 22.56 -18.84 11.01
N LYS B 199 23.51 -18.29 11.74
CA LYS B 199 24.15 -19.09 12.76
C LYS B 199 23.26 -19.17 13.99
N VAL B 200 22.32 -20.12 13.90
CA VAL B 200 21.30 -20.25 14.94
C VAL B 200 21.94 -20.50 16.32
N GLU B 201 23.08 -21.18 16.37
CA GLU B 201 23.76 -21.24 17.72
C GLU B 201 24.06 -19.94 18.37
N ILE B 202 24.45 -18.94 17.59
CA ILE B 202 24.75 -17.63 18.06
C ILE B 202 23.43 -16.98 18.50
N LEU B 203 22.36 -17.26 17.76
CA LEU B 203 21.04 -16.73 18.22
C LEU B 203 20.69 -17.32 19.61
N GLU B 204 20.98 -18.60 19.85
CA GLU B 204 20.68 -19.14 21.20
C GLU B 204 21.50 -18.42 22.27
N GLU B 205 22.78 -18.18 21.96
CA GLU B 205 23.68 -17.51 22.90
C GLU B 205 23.12 -16.13 23.20
N LYS B 206 22.71 -15.42 22.15
CA LYS B 206 22.15 -14.06 22.40
C LYS B 206 20.80 -14.07 23.16
N LEU B 207 19.94 -15.06 22.86
CA LEU B 207 18.61 -15.25 23.58
C LEU B 207 18.92 -15.48 25.09
N LYS B 208 19.95 -16.31 25.39
CA LYS B 208 20.35 -16.58 26.81
C LYS B 208 20.82 -15.29 27.48
N GLU B 209 21.62 -14.49 26.77
CA GLU B 209 22.16 -13.23 27.30
C GLU B 209 21.02 -12.26 27.48
N LEU B 210 20.09 -12.19 26.56
CA LEU B 210 18.97 -11.29 26.75
C LEU B 210 18.14 -11.67 27.98
N LYS B 211 17.90 -12.96 28.15
CA LYS B 211 17.06 -13.54 29.24
C LYS B 211 17.70 -13.16 30.58
N SER B 212 19.04 -13.17 30.59
CA SER B 212 19.80 -12.77 31.82
C SER B 212 19.68 -11.25 32.16
N GLN B 213 19.17 -10.48 31.22
CA GLN B 213 18.91 -9.06 31.40
C GLN B 213 17.44 -8.79 31.64
N GLY B 214 16.65 -9.85 31.64
CA GLY B 214 15.18 -9.80 31.84
C GLY B 214 14.42 -9.41 30.59
N LYS B 215 15.07 -9.62 29.43
CA LYS B 215 14.49 -9.16 28.18
C LYS B 215 14.20 -10.31 27.24
N LYS B 216 13.36 -10.06 26.23
CA LYS B 216 13.08 -11.09 25.27
C LYS B 216 12.88 -10.48 23.89
N VAL B 217 13.02 -11.39 22.92
CA VAL B 217 12.85 -11.00 21.46
C VAL B 217 11.37 -11.18 21.14
N LYS B 218 10.80 -10.24 20.37
CA LYS B 218 9.43 -10.42 19.86
C LYS B 218 9.38 -11.18 18.53
N VAL B 219 10.25 -10.79 17.56
CA VAL B 219 10.12 -11.35 16.20
C VAL B 219 11.56 -11.66 15.74
N VAL B 220 11.70 -12.83 15.14
CA VAL B 220 12.93 -13.15 14.34
C VAL B 220 12.51 -13.07 12.87
N TYR B 221 13.22 -12.21 12.13
CA TYR B 221 12.94 -12.06 10.71
C TYR B 221 14.08 -12.75 10.00
N THR B 222 13.67 -13.67 9.13
CA THR B 222 14.67 -14.47 8.36
C THR B 222 14.29 -14.50 6.89
N VAL B 223 15.34 -14.46 6.07
CA VAL B 223 15.17 -14.69 4.58
C VAL B 223 16.06 -15.93 4.31
N PRO B 224 15.46 -17.09 4.52
CA PRO B 224 16.33 -18.23 4.75
C PRO B 224 16.69 -18.97 3.45
N THR B 225 16.13 -18.60 2.27
CA THR B 225 16.50 -19.37 1.04
C THR B 225 16.97 -18.39 -0.05
N PHE B 226 18.19 -18.56 -0.49
CA PHE B 226 18.82 -17.68 -1.52
C PHE B 226 18.74 -16.21 -1.07
N GLN B 227 19.32 -15.93 0.08
CA GLN B 227 19.01 -14.62 0.72
C GLN B 227 19.29 -13.46 -0.21
N ASN B 228 18.41 -12.47 -0.12
CA ASN B 228 18.83 -11.11 -0.47
C ASN B 228 19.33 -10.41 0.79
N PRO B 229 20.63 -10.10 0.90
CA PRO B 229 21.65 -10.04 -0.17
C PRO B 229 22.65 -11.20 -0.23
N ALA B 230 22.71 -12.10 0.76
CA ALA B 230 23.95 -12.96 0.85
C ALA B 230 23.93 -14.16 -0.12
N GLY B 231 22.76 -14.54 -0.59
CA GLY B 231 22.64 -15.70 -1.53
C GLY B 231 22.63 -17.07 -0.88
N VAL B 232 22.87 -17.14 0.43
CA VAL B 232 22.99 -18.44 1.11
C VAL B 232 21.65 -18.91 1.68
N THR B 233 21.59 -20.20 2.08
CA THR B 233 20.35 -20.83 2.49
C THR B 233 20.55 -21.52 3.85
N MET B 234 19.63 -21.24 4.76
CA MET B 234 19.61 -21.89 6.08
C MET B 234 19.37 -23.37 5.91
N ASN B 235 20.26 -24.17 6.48
CA ASN B 235 20.05 -25.58 6.36
C ASN B 235 18.88 -26.16 7.21
N GLU B 236 18.54 -27.44 6.94
CA GLU B 236 17.35 -28.00 7.54
C GLU B 236 17.50 -28.06 9.08
N ASP B 237 18.67 -28.47 9.56
CA ASP B 237 18.85 -28.56 10.99
C ASP B 237 18.68 -27.27 11.69
N ARG B 238 19.13 -26.19 11.04
CA ARG B 238 18.97 -24.88 11.63
C ARG B 238 17.53 -24.39 11.60
N ARG B 239 16.80 -24.77 10.56
CA ARG B 239 15.39 -24.43 10.52
C ARG B 239 14.64 -25.01 11.72
N LYS B 240 14.91 -26.27 12.01
CA LYS B 240 14.25 -26.98 13.07
C LYS B 240 14.73 -26.41 14.40
N TYR B 241 16.01 -26.11 14.50
CA TYR B 241 16.61 -25.47 15.70
C TYR B 241 15.99 -24.11 15.96
N LEU B 242 15.92 -23.25 14.91
CA LEU B 242 15.15 -22.03 15.05
C LEU B 242 13.74 -22.17 15.65
N LEU B 243 12.99 -23.19 15.18
CA LEU B 243 11.67 -23.37 15.68
C LEU B 243 11.65 -23.88 17.13
N GLU B 244 12.62 -24.70 17.50
CA GLU B 244 12.72 -25.04 18.98
C GLU B 244 12.94 -23.80 19.80
N LEU B 245 13.81 -22.87 19.32
CA LEU B 245 14.10 -21.68 20.09
C LEU B 245 12.88 -20.78 20.14
N ALA B 246 12.10 -20.79 19.04
CA ALA B 246 10.89 -20.02 19.01
C ALA B 246 9.86 -20.43 20.06
N SER B 247 9.78 -21.76 20.28
CA SER B 247 8.98 -22.34 21.34
C SER B 247 9.54 -22.02 22.73
N GLU B 248 10.85 -22.24 22.91
CA GLU B 248 11.44 -22.07 24.20
C GLU B 248 11.39 -20.66 24.72
N TYR B 249 11.68 -19.72 23.80
CA TYR B 249 11.71 -18.31 24.11
C TYR B 249 10.47 -17.47 23.73
N ASP B 250 9.49 -18.10 23.14
CA ASP B 250 8.22 -17.51 22.79
C ASP B 250 8.29 -16.30 21.88
N PHE B 251 8.78 -16.50 20.65
CA PHE B 251 8.79 -15.40 19.65
C PHE B 251 8.11 -15.94 18.40
N ILE B 252 7.79 -14.97 17.54
CA ILE B 252 7.27 -15.24 16.21
C ILE B 252 8.42 -15.12 15.18
N VAL B 253 8.32 -15.97 14.18
CA VAL B 253 9.31 -16.06 13.09
C VAL B 253 8.55 -15.52 11.86
N VAL B 254 9.17 -14.60 11.16
CA VAL B 254 8.71 -14.13 9.88
C VAL B 254 9.71 -14.74 8.85
N GLU B 255 9.20 -15.61 8.02
CA GLU B 255 9.95 -16.24 6.90
C GLU B 255 9.58 -15.53 5.57
N ASP B 256 10.58 -14.83 5.02
CA ASP B 256 10.30 -14.02 3.80
C ASP B 256 10.97 -14.78 2.64
N ASP B 257 10.13 -15.30 1.74
CA ASP B 257 10.62 -16.19 0.69
C ASP B 257 10.25 -15.80 -0.75
N PRO B 258 10.92 -14.76 -1.29
CA PRO B 258 10.63 -14.40 -2.68
C PRO B 258 11.22 -15.36 -3.72
N TYR B 259 12.26 -16.08 -3.32
CA TYR B 259 13.23 -16.65 -4.31
C TYR B 259 13.21 -18.17 -4.39
N GLY B 260 12.43 -18.84 -3.52
CA GLY B 260 12.64 -20.31 -3.43
C GLY B 260 12.42 -21.07 -4.72
N GLU B 261 11.54 -20.58 -5.58
CA GLU B 261 11.33 -21.27 -6.89
C GLU B 261 12.44 -20.98 -7.88
N LEU B 262 13.32 -20.01 -7.61
CA LEU B 262 14.46 -19.72 -8.51
C LEU B 262 15.67 -20.55 -8.15
N ARG B 263 15.45 -21.89 -8.14
CA ARG B 263 16.51 -22.77 -7.75
C ARG B 263 17.24 -23.34 -8.99
N TYR B 264 18.56 -23.23 -9.02
CA TYR B 264 19.35 -23.62 -10.20
C TYR B 264 20.14 -24.89 -9.97
N SER B 265 20.31 -25.27 -8.70
CA SER B 265 21.12 -26.48 -8.39
C SER B 265 20.68 -26.98 -7.04
N GLY B 266 20.97 -28.22 -6.70
CA GLY B 266 20.53 -28.73 -5.47
C GLY B 266 19.11 -29.12 -5.42
N ASN B 267 18.71 -29.56 -4.21
CA ASN B 267 17.36 -30.04 -3.99
C ASN B 267 16.60 -29.07 -3.12
N PRO B 268 15.26 -28.96 -3.28
CA PRO B 268 14.39 -28.03 -2.53
C PRO B 268 14.51 -28.21 -1.03
N GLU B 269 14.71 -27.09 -0.36
CA GLU B 269 14.60 -26.99 1.09
C GLU B 269 13.18 -27.20 1.55
N LYS B 270 13.02 -27.54 2.84
CA LYS B 270 11.70 -27.47 3.52
C LYS B 270 11.50 -26.04 4.00
N LYS B 271 10.34 -25.49 3.70
CA LYS B 271 10.05 -24.15 4.18
C LYS B 271 9.94 -24.23 5.72
N ILE B 272 10.50 -23.23 6.38
CA ILE B 272 10.36 -23.16 7.89
C ILE B 272 8.89 -23.26 8.22
N LYS B 273 8.03 -22.63 7.40
CA LYS B 273 6.64 -22.70 7.63
C LYS B 273 6.05 -24.17 7.55
N ALA B 274 6.62 -24.97 6.68
CA ALA B 274 6.24 -26.39 6.58
C ALA B 274 6.59 -27.17 7.86
N LEU B 275 7.55 -26.71 8.63
CA LEU B 275 7.92 -27.34 9.89
C LEU B 275 7.21 -26.78 11.10
N ASP B 276 6.33 -25.78 10.89
CA ASP B 276 5.73 -25.05 11.98
C ASP B 276 4.45 -25.65 12.57
N ASN B 277 4.63 -26.51 13.56
CA ASN B 277 3.51 -27.12 14.24
C ASN B 277 2.82 -26.25 15.26
N GLU B 278 3.47 -25.16 15.70
CA GLU B 278 2.87 -24.25 16.70
C GLU B 278 2.14 -23.03 16.16
N GLY B 279 2.26 -22.76 14.84
CA GLY B 279 1.66 -21.57 14.30
C GLY B 279 2.46 -20.30 14.61
N ARG B 280 3.75 -20.44 14.85
CA ARG B 280 4.58 -19.30 15.19
C ARG B 280 5.20 -18.63 13.97
N VAL B 281 5.02 -19.20 12.79
CA VAL B 281 5.72 -18.63 11.61
C VAL B 281 4.69 -17.88 10.76
N ILE B 282 5.11 -16.70 10.25
CA ILE B 282 4.30 -15.94 9.27
C ILE B 282 5.13 -16.07 8.02
N TYR B 283 4.57 -16.69 6.97
CA TYR B 283 5.28 -16.92 5.70
C TYR B 283 4.89 -15.85 4.65
N LEU B 284 5.92 -15.23 4.05
CA LEU B 284 5.64 -14.18 3.05
C LEU B 284 6.11 -14.69 1.69
N GLY B 285 5.18 -14.64 0.75
CA GLY B 285 5.57 -14.90 -0.61
C GLY B 285 5.19 -13.75 -1.51
N THR B 286 5.73 -13.82 -2.73
CA THR B 286 5.44 -12.72 -3.67
C THR B 286 5.39 -13.23 -5.10
N PHE B 287 4.60 -12.54 -5.96
CA PHE B 287 4.66 -12.87 -7.39
C PHE B 287 5.77 -12.07 -8.12
N SER B 288 6.55 -11.30 -7.38
CA SER B 288 7.51 -10.37 -8.05
C SER B 288 8.58 -11.09 -8.91
N LYS B 289 9.15 -12.18 -8.41
CA LYS B 289 10.22 -12.87 -9.11
C LYS B 289 9.76 -14.17 -9.79
N ILE B 290 8.45 -14.40 -9.82
CA ILE B 290 7.93 -15.62 -10.49
C ILE B 290 6.83 -15.32 -11.50
N LEU B 291 6.38 -14.08 -11.53
CA LEU B 291 5.40 -13.65 -12.56
C LEU B 291 5.99 -12.38 -13.13
N ALA B 292 5.87 -11.28 -12.37
CA ALA B 292 6.51 -10.00 -12.74
C ALA B 292 6.23 -9.08 -11.53
N PRO B 293 7.12 -8.11 -11.24
CA PRO B 293 6.84 -7.27 -10.07
C PRO B 293 5.71 -6.26 -10.27
N GLY B 294 5.36 -5.94 -11.54
CA GLY B 294 4.49 -4.78 -11.86
C GLY B 294 3.05 -4.87 -11.37
N PHE B 295 2.64 -6.08 -11.03
CA PHE B 295 1.30 -6.26 -10.49
C PHE B 295 1.22 -5.96 -9.01
N ARG B 296 2.35 -5.98 -8.31
CA ARG B 296 2.43 -5.71 -6.87
C ARG B 296 1.48 -6.57 -6.03
N ILE B 297 1.64 -7.87 -6.17
CA ILE B 297 0.78 -8.83 -5.47
C ILE B 297 1.67 -9.73 -4.65
N GLY B 298 1.43 -9.79 -3.31
CA GLY B 298 2.15 -10.83 -2.55
C GLY B 298 1.17 -11.42 -1.54
N TRP B 299 1.71 -12.33 -0.68
CA TRP B 299 0.76 -12.97 0.29
C TRP B 299 1.48 -13.20 1.63
N MET B 300 0.61 -13.35 2.64
CA MET B 300 1.06 -13.59 4.03
C MET B 300 0.20 -14.70 4.59
N VAL B 301 0.85 -15.77 5.11
CA VAL B 301 0.16 -16.99 5.57
C VAL B 301 0.57 -17.20 7.02
N GLY B 302 -0.40 -17.38 7.88
CA GLY B 302 -0.03 -17.57 9.28
C GLY B 302 -1.25 -17.83 10.13
N ASP B 303 -1.03 -17.82 11.42
CA ASP B 303 -2.09 -18.07 12.41
C ASP B 303 -3.30 -17.16 12.12
N PRO B 304 -4.55 -17.70 12.20
CA PRO B 304 -5.71 -16.89 11.84
C PRO B 304 -5.94 -15.68 12.72
N GLY B 305 -5.56 -15.76 14.01
CA GLY B 305 -5.61 -14.61 14.96
C GLY B 305 -4.68 -13.48 14.50
N ILE B 306 -3.50 -13.89 14.04
CA ILE B 306 -2.53 -12.89 13.49
C ILE B 306 -3.04 -12.27 12.20
N ILE B 307 -3.53 -13.12 11.31
CA ILE B 307 -3.99 -12.64 10.00
C ILE B 307 -5.20 -11.71 10.17
N ARG B 308 -6.12 -12.05 11.07
CA ARG B 308 -7.26 -11.11 11.33
C ARG B 308 -6.78 -9.71 11.74
N LYS B 309 -5.79 -9.60 12.62
CA LYS B 309 -5.26 -8.32 13.02
C LYS B 309 -4.56 -7.59 11.83
N MET B 310 -3.85 -8.34 11.00
CA MET B 310 -3.17 -7.78 9.86
C MET B 310 -4.20 -7.17 8.89
N GLU B 311 -5.31 -7.86 8.71
CA GLU B 311 -6.42 -7.38 7.85
C GLU B 311 -6.97 -6.07 8.32
N ILE B 312 -7.24 -5.95 9.62
CA ILE B 312 -7.71 -4.67 10.09
C ILE B 312 -6.67 -3.53 9.90
N ALA B 313 -5.40 -3.86 10.17
CA ALA B 313 -4.32 -2.84 9.98
C ALA B 313 -4.23 -2.40 8.53
N LYS B 314 -4.36 -3.36 7.64
CA LYS B 314 -4.21 -3.05 6.18
C LYS B 314 -5.31 -2.16 5.70
N GLN B 315 -6.50 -2.41 6.22
CA GLN B 315 -7.75 -1.77 5.66
C GLN B 315 -7.61 -0.25 5.54
N SER B 316 -6.98 0.35 6.53
CA SER B 316 -6.82 1.78 6.57
C SER B 316 -5.61 2.27 5.80
N THR B 317 -4.65 1.36 5.58
CA THR B 317 -3.43 1.72 4.73
C THR B 317 -3.66 1.76 3.23
N ASP B 318 -4.52 0.90 2.70
CA ASP B 318 -4.80 0.87 1.26
C ASP B 318 -6.15 0.35 0.70
N LEU B 319 -7.08 0.06 1.58
CA LEU B 319 -8.41 -0.48 1.35
C LEU B 319 -8.31 -1.96 0.87
N CYS B 320 -7.70 -2.13 -0.29
CA CYS B 320 -7.39 -3.47 -0.79
C CYS B 320 -6.25 -3.41 -1.76
N THR B 321 -5.59 -4.53 -1.92
CA THR B 321 -4.60 -4.69 -2.94
C THR B 321 -5.25 -4.74 -4.32
N ASN B 322 -4.59 -4.18 -5.31
CA ASN B 322 -5.29 -4.05 -6.55
C ASN B 322 -5.86 -5.34 -7.07
N VAL B 323 -7.16 -5.29 -7.32
CA VAL B 323 -7.94 -6.52 -7.57
C VAL B 323 -7.59 -7.01 -8.96
N PHE B 324 -7.34 -6.08 -9.86
CA PHE B 324 -7.08 -6.45 -11.27
C PHE B 324 -5.85 -7.37 -11.31
N GLY B 325 -4.75 -6.99 -10.62
CA GLY B 325 -3.59 -7.88 -10.54
C GLY B 325 -3.87 -9.18 -9.76
N GLN B 326 -4.73 -9.13 -8.74
CA GLN B 326 -5.10 -10.36 -8.05
C GLN B 326 -5.81 -11.35 -8.95
N VAL B 327 -6.62 -10.84 -9.87
CA VAL B 327 -7.29 -11.77 -10.83
C VAL B 327 -6.27 -12.34 -11.80
N VAL B 328 -5.33 -11.52 -12.27
CA VAL B 328 -4.29 -11.98 -13.17
C VAL B 328 -3.53 -13.13 -12.44
N ALA B 329 -3.09 -12.87 -11.21
CA ALA B 329 -2.34 -13.85 -10.43
C ALA B 329 -3.10 -15.14 -10.17
N TRP B 330 -4.39 -15.00 -9.92
CA TRP B 330 -5.30 -16.16 -9.73
C TRP B 330 -5.28 -16.99 -11.04
N ARG B 331 -5.53 -16.34 -12.18
CA ARG B 331 -5.43 -17.20 -13.38
C ARG B 331 -4.07 -17.81 -13.60
N TYR B 332 -3.00 -17.04 -13.38
CA TYR B 332 -1.65 -17.56 -13.55
C TYR B 332 -1.42 -18.80 -12.69
N VAL B 333 -1.86 -18.79 -11.43
CA VAL B 333 -1.63 -20.04 -10.62
C VAL B 333 -2.65 -21.13 -11.03
N ASP B 334 -3.93 -20.80 -10.96
CA ASP B 334 -5.00 -21.82 -11.14
C ASP B 334 -4.97 -22.44 -12.51
N GLY B 335 -4.56 -21.64 -13.48
CA GLY B 335 -4.50 -22.10 -14.89
C GLY B 335 -3.34 -23.02 -15.20
N GLY B 336 -2.46 -23.20 -14.22
CA GLY B 336 -1.28 -24.08 -14.27
C GLY B 336 -0.05 -23.44 -14.90
N TYR B 337 -0.14 -22.11 -15.23
CA TYR B 337 0.93 -21.45 -15.88
C TYR B 337 2.13 -21.17 -14.98
N LEU B 338 1.91 -20.89 -13.69
CA LEU B 338 3.06 -20.72 -12.79
C LEU B 338 3.95 -21.98 -12.80
N GLU B 339 3.30 -23.13 -12.70
CA GLU B 339 4.07 -24.37 -12.59
C GLU B 339 4.81 -24.65 -13.87
N LYS B 340 4.25 -24.27 -15.02
CA LYS B 340 4.93 -24.44 -16.30
C LYS B 340 6.04 -23.45 -16.57
N HIS B 341 5.88 -22.23 -16.02
CA HIS B 341 6.80 -21.19 -16.30
C HIS B 341 8.07 -21.23 -15.41
N ILE B 342 7.93 -21.71 -14.16
CA ILE B 342 9.07 -21.80 -13.25
C ILE B 342 10.30 -22.40 -13.91
N PRO B 343 10.18 -23.59 -14.56
CA PRO B 343 11.42 -24.15 -15.17
C PRO B 343 12.05 -23.26 -16.22
N GLU B 344 11.30 -22.39 -16.90
CA GLU B 344 11.90 -21.45 -17.85
C GLU B 344 12.61 -20.32 -17.17
N ILE B 345 12.07 -19.83 -16.02
CA ILE B 345 12.85 -18.86 -15.25
C ILE B 345 14.18 -19.48 -14.82
N ARG B 346 14.13 -20.71 -14.30
CA ARG B 346 15.36 -21.33 -13.82
C ARG B 346 16.45 -21.54 -14.91
N LYS B 347 15.99 -21.94 -16.12
CA LYS B 347 16.89 -22.14 -17.26
C LYS B 347 17.57 -20.85 -17.72
N PHE B 348 16.85 -19.74 -17.53
CA PHE B 348 17.28 -18.45 -17.93
C PHE B 348 18.41 -17.93 -17.00
N TYR B 349 18.14 -18.01 -15.71
CA TYR B 349 19.08 -17.42 -14.77
C TYR B 349 20.29 -18.27 -14.44
N LYS B 350 20.13 -19.57 -14.48
CA LYS B 350 21.23 -20.46 -14.11
C LYS B 350 22.56 -20.12 -14.82
N PRO B 351 22.51 -19.95 -16.18
CA PRO B 351 23.83 -19.69 -16.81
C PRO B 351 24.42 -18.35 -16.46
N ARG B 352 23.57 -17.43 -15.99
CA ARG B 352 24.02 -16.13 -15.54
C ARG B 352 24.64 -16.25 -14.15
N ARG B 353 24.03 -17.04 -13.25
CA ARG B 353 24.77 -17.27 -11.97
C ARG B 353 26.15 -17.90 -12.31
N ASP B 354 26.11 -18.87 -13.22
CA ASP B 354 27.35 -19.66 -13.45
C ASP B 354 28.39 -18.79 -14.09
N ALA B 355 28.03 -17.90 -15.01
CA ALA B 355 29.02 -17.01 -15.64
C ALA B 355 29.64 -16.13 -14.57
N MET B 356 28.79 -15.62 -13.66
CA MET B 356 29.38 -14.74 -12.66
C MET B 356 30.31 -15.54 -11.73
N LEU B 357 29.93 -16.76 -11.34
CA LEU B 357 30.82 -17.55 -10.44
C LEU B 357 32.14 -17.91 -11.15
N GLU B 358 32.01 -18.19 -12.45
CA GLU B 358 33.25 -18.42 -13.25
C GLU B 358 34.18 -17.26 -13.32
N ALA B 359 33.61 -16.04 -13.52
CA ALA B 359 34.41 -14.83 -13.66
C ALA B 359 35.08 -14.54 -12.31
N LEU B 360 34.32 -14.71 -11.22
CA LEU B 360 34.90 -14.35 -9.92
C LEU B 360 36.11 -15.28 -9.68
N GLU B 361 35.94 -16.57 -9.91
CA GLU B 361 37.03 -17.53 -9.69
C GLU B 361 38.26 -17.15 -10.57
N GLU B 362 37.99 -16.73 -11.79
CA GLU B 362 39.11 -16.52 -12.70
C GLU B 362 39.81 -15.22 -12.40
N PHE B 363 39.07 -14.17 -12.00
CA PHE B 363 39.61 -12.83 -11.96
C PHE B 363 39.97 -12.29 -10.59
N MET B 364 39.29 -12.76 -9.54
CA MET B 364 39.40 -12.10 -8.23
C MET B 364 40.79 -12.36 -7.61
N PRO B 365 41.40 -11.34 -7.03
CA PRO B 365 42.67 -11.73 -6.41
C PRO B 365 42.52 -12.49 -5.09
N GLU B 366 43.64 -12.93 -4.58
CA GLU B 366 43.66 -13.74 -3.38
C GLU B 366 43.09 -12.92 -2.24
N GLY B 367 42.35 -13.61 -1.40
CA GLY B 367 41.83 -13.01 -0.21
C GLY B 367 40.36 -12.68 -0.41
N VAL B 368 39.91 -12.58 -1.65
CA VAL B 368 38.49 -12.17 -1.86
C VAL B 368 37.66 -13.40 -1.77
N LYS B 369 36.42 -13.35 -1.14
CA LYS B 369 35.64 -14.55 -1.00
C LYS B 369 34.24 -14.16 -1.42
N TRP B 370 33.51 -15.18 -1.81
CA TRP B 370 32.09 -14.94 -2.21
C TRP B 370 31.26 -16.13 -1.93
N THR B 371 29.99 -15.85 -1.77
CA THR B 371 29.03 -16.95 -1.62
C THR B 371 28.70 -17.69 -2.91
N LYS B 372 28.18 -18.91 -2.78
CA LYS B 372 27.92 -19.75 -3.94
C LYS B 372 26.49 -20.19 -3.88
N PRO B 373 25.58 -19.29 -4.35
CA PRO B 373 24.18 -19.52 -4.21
C PRO B 373 23.65 -20.69 -5.00
N GLU B 374 22.68 -21.37 -4.46
CA GLU B 374 21.99 -22.41 -5.25
C GLU B 374 20.85 -21.87 -6.07
N GLY B 375 20.62 -20.54 -5.95
CA GLY B 375 19.44 -19.98 -6.60
C GLY B 375 19.38 -18.51 -6.29
N GLY B 376 18.27 -17.91 -6.73
CA GLY B 376 18.04 -16.46 -6.51
C GLY B 376 18.72 -15.55 -7.44
N MET B 377 19.10 -14.38 -6.92
CA MET B 377 19.52 -13.25 -7.78
C MET B 377 20.91 -12.67 -7.49
N PHE B 378 21.53 -13.10 -6.40
CA PHE B 378 22.63 -12.35 -5.80
C PHE B 378 23.77 -13.26 -5.39
N ILE B 379 24.92 -12.64 -5.55
CA ILE B 379 26.18 -13.23 -4.97
C ILE B 379 26.79 -12.15 -4.11
N TRP B 380 27.28 -12.58 -2.93
CA TRP B 380 27.78 -11.69 -1.93
C TRP B 380 29.27 -11.85 -1.71
N VAL B 381 29.96 -10.73 -1.80
CA VAL B 381 31.44 -10.73 -1.82
C VAL B 381 32.05 -10.11 -0.60
N THR B 382 33.11 -10.73 -0.06
CA THR B 382 33.82 -10.20 1.14
C THR B 382 35.26 -9.83 0.75
N LEU B 383 35.67 -8.63 1.02
CA LEU B 383 37.00 -8.13 0.65
C LEU B 383 38.00 -8.28 1.77
N PRO B 384 39.26 -8.59 1.46
CA PRO B 384 40.28 -8.75 2.52
C PRO B 384 40.89 -7.44 2.93
N ASP B 385 41.82 -7.51 3.87
CA ASP B 385 42.62 -6.40 4.31
C ASP B 385 41.90 -5.14 4.69
N GLY B 386 40.67 -5.21 5.14
CA GLY B 386 40.00 -4.03 5.62
C GLY B 386 39.57 -3.01 4.60
N ILE B 387 39.37 -3.44 3.37
CA ILE B 387 38.85 -2.53 2.39
C ILE B 387 37.46 -2.13 2.77
N ASP B 388 37.14 -0.86 2.64
CA ASP B 388 35.81 -0.36 2.89
C ASP B 388 35.16 -0.26 1.54
N SER B 389 34.16 -1.14 1.33
CA SER B 389 33.58 -1.22 -0.01
C SER B 389 32.72 -0.02 -0.35
N LYS B 390 32.24 0.73 0.66
CA LYS B 390 31.55 1.94 0.37
C LYS B 390 32.50 3.03 -0.22
N LYS B 391 33.66 3.19 0.42
CA LYS B 391 34.69 4.11 -0.08
C LYS B 391 35.20 3.64 -1.41
N MET B 392 35.23 2.32 -1.61
CA MET B 392 35.78 1.77 -2.90
C MET B 392 34.82 1.98 -4.09
N LEU B 393 33.56 2.28 -3.83
CA LEU B 393 32.56 2.37 -4.90
C LEU B 393 32.91 3.47 -5.93
N GLU B 394 33.52 4.55 -5.43
CA GLU B 394 33.95 5.66 -6.26
C GLU B 394 34.95 5.18 -7.33
N ARG B 395 35.91 4.37 -6.83
CA ARG B 395 37.00 3.79 -7.60
C ARG B 395 36.41 2.85 -8.63
N ALA B 396 35.45 2.02 -8.18
CA ALA B 396 34.78 1.08 -9.07
C ALA B 396 34.04 1.79 -10.21
N ILE B 397 33.27 2.84 -9.90
CA ILE B 397 32.48 3.56 -10.87
C ILE B 397 33.40 4.22 -11.94
N LYS B 398 34.54 4.78 -11.48
CA LYS B 398 35.60 5.30 -12.38
C LYS B 398 36.11 4.20 -13.32
N LYS B 399 36.09 2.94 -12.89
CA LYS B 399 36.55 1.85 -13.79
C LYS B 399 35.43 1.15 -14.57
N GLY B 400 34.23 1.74 -14.46
CA GLY B 400 33.07 1.30 -15.22
C GLY B 400 32.27 0.15 -14.63
N VAL B 401 32.27 0.02 -13.29
CA VAL B 401 31.50 -1.04 -12.66
C VAL B 401 30.82 -0.54 -11.39
N ALA B 402 29.66 -1.10 -11.05
CA ALA B 402 29.02 -0.69 -9.76
C ALA B 402 28.44 -1.93 -9.07
N TYR B 403 28.23 -1.78 -7.77
CA TYR B 403 27.67 -2.83 -6.92
C TYR B 403 27.03 -2.14 -5.78
N VAL B 404 26.33 -2.89 -4.92
CA VAL B 404 25.81 -2.22 -3.70
C VAL B 404 26.77 -2.52 -2.54
N PRO B 405 27.32 -1.44 -1.87
CA PRO B 405 28.14 -1.66 -0.75
C PRO B 405 27.30 -2.37 0.37
N GLY B 406 27.87 -3.32 1.11
CA GLY B 406 27.07 -4.16 2.01
C GLY B 406 26.68 -3.48 3.33
N GLU B 407 27.32 -2.34 3.65
CA GLU B 407 27.02 -1.67 5.01
C GLU B 407 25.58 -1.47 5.38
N ALA B 408 24.76 -1.02 4.40
CA ALA B 408 23.31 -0.73 4.75
C ALA B 408 22.49 -1.97 4.94
N PHE B 409 23.00 -3.12 4.49
CA PHE B 409 22.31 -4.38 4.83
C PHE B 409 22.53 -4.89 6.30
N TYR B 410 23.34 -4.16 7.07
CA TYR B 410 23.54 -4.56 8.46
C TYR B 410 22.75 -3.58 9.35
N ALA B 411 21.95 -4.08 10.27
CA ALA B 411 21.06 -3.23 11.12
C ALA B 411 21.95 -2.24 11.85
N HIS B 412 23.12 -2.72 12.26
CA HIS B 412 24.08 -1.83 12.99
C HIS B 412 25.13 -1.15 12.11
N ARG B 413 25.00 -1.32 10.77
CA ARG B 413 25.91 -0.67 9.82
C ARG B 413 27.38 -0.88 10.24
N ASP B 414 27.70 -2.05 10.69
CA ASP B 414 29.01 -2.26 11.30
C ASP B 414 30.04 -3.07 10.51
N VAL B 415 29.62 -3.62 9.38
CA VAL B 415 30.53 -4.41 8.54
C VAL B 415 30.73 -3.62 7.25
N LYS B 416 31.98 -3.47 6.86
CA LYS B 416 32.36 -2.47 5.86
C LYS B 416 32.96 -3.07 4.61
N ASN B 417 33.26 -4.35 4.67
CA ASN B 417 34.07 -5.00 3.60
C ASN B 417 33.26 -5.94 2.65
N THR B 418 31.94 -5.71 2.52
CA THR B 418 31.07 -6.63 1.74
C THR B 418 30.37 -5.90 0.62
N MET B 419 29.89 -6.72 -0.36
CA MET B 419 29.21 -6.14 -1.54
C MET B 419 28.18 -7.12 -2.01
N ARG B 420 27.06 -6.60 -2.46
CA ARG B 420 26.05 -7.40 -3.13
C ARG B 420 26.15 -7.24 -4.65
N LEU B 421 26.28 -8.38 -5.35
CA LEU B 421 26.27 -8.37 -6.81
C LEU B 421 25.04 -9.06 -7.31
N ASN B 422 24.52 -8.55 -8.39
CA ASN B 422 23.30 -9.16 -8.99
C ASN B 422 23.69 -9.73 -10.41
N PHE B 423 23.21 -10.94 -10.71
CA PHE B 423 23.52 -11.56 -12.03
C PHE B 423 22.28 -11.69 -12.93
N THR B 424 21.13 -11.21 -12.49
CA THR B 424 19.87 -11.49 -13.25
C THR B 424 19.68 -10.51 -14.39
N TYR B 425 20.20 -9.30 -14.16
CA TYR B 425 19.76 -8.14 -14.97
C TYR B 425 20.90 -7.37 -15.57
N VAL B 426 21.91 -8.06 -16.05
CA VAL B 426 22.74 -7.61 -17.17
C VAL B 426 23.19 -9.04 -17.61
N ASP B 427 23.85 -9.17 -18.77
CA ASP B 427 23.36 -8.91 -20.10
C ASP B 427 23.12 -10.29 -20.83
N GLU B 428 24.15 -11.08 -21.08
CA GLU B 428 24.93 -11.83 -20.06
C GLU B 428 26.45 -11.96 -20.35
N ASP B 429 27.08 -10.86 -20.78
CA ASP B 429 28.43 -10.84 -21.39
C ASP B 429 29.13 -9.65 -20.72
N LYS B 430 28.29 -8.78 -20.20
CA LYS B 430 28.68 -7.73 -19.38
C LYS B 430 28.94 -8.33 -18.00
N ILE B 431 28.41 -9.51 -17.66
CA ILE B 431 28.79 -10.14 -16.34
C ILE B 431 30.33 -10.36 -16.30
N MET B 432 30.88 -11.01 -17.36
CA MET B 432 32.36 -11.28 -17.32
C MET B 432 33.11 -9.97 -17.28
N GLU B 433 32.69 -9.03 -18.13
CA GLU B 433 33.41 -7.74 -18.18
C GLU B 433 33.29 -6.92 -16.88
N GLY B 434 32.08 -6.95 -16.33
CA GLY B 434 31.83 -6.35 -14.99
C GLY B 434 32.70 -6.92 -13.92
N ILE B 435 32.78 -8.24 -13.82
CA ILE B 435 33.53 -8.86 -12.73
C ILE B 435 35.03 -8.55 -12.95
N LYS B 436 35.47 -8.57 -14.22
CA LYS B 436 36.86 -8.20 -14.44
C LYS B 436 37.19 -6.82 -13.97
N ARG B 437 36.34 -5.86 -14.32
CA ARG B 437 36.53 -4.45 -13.88
C ARG B 437 36.57 -4.40 -12.34
N LEU B 438 35.62 -5.14 -11.72
CA LEU B 438 35.53 -5.17 -10.23
C LEU B 438 36.83 -5.74 -9.64
N ALA B 439 37.36 -6.81 -10.25
CA ALA B 439 38.57 -7.47 -9.79
C ALA B 439 39.75 -6.50 -9.89
N GLU B 440 39.88 -5.79 -11.02
CA GLU B 440 40.98 -4.83 -11.12
C GLU B 440 40.81 -3.67 -10.15
N THR B 441 39.57 -3.25 -9.89
CA THR B 441 39.34 -2.17 -8.91
C THR B 441 39.87 -2.63 -7.55
N ILE B 442 39.54 -3.86 -7.11
CA ILE B 442 40.00 -4.44 -5.86
C ILE B 442 41.52 -4.54 -5.84
N LYS B 443 42.14 -4.95 -6.96
CA LYS B 443 43.61 -5.01 -7.00
C LYS B 443 44.21 -3.65 -6.75
N GLU B 444 43.67 -2.59 -7.37
CA GLU B 444 44.23 -1.25 -7.18
C GLU B 444 43.96 -0.70 -5.78
N GLU B 445 42.75 -0.92 -5.32
CA GLU B 445 42.44 -0.56 -3.97
C GLU B 445 43.46 -1.16 -2.98
N LEU B 446 43.81 -2.45 -3.13
CA LEU B 446 44.75 -3.15 -2.27
C LEU B 446 46.16 -2.59 -2.35
N LYS B 447 46.39 -1.61 -3.24
CA LYS B 447 47.71 -0.98 -3.41
C LYS B 447 47.75 0.44 -2.84
N ALA B 448 48.39 0.58 -1.67
CA ALA B 448 48.56 1.86 -0.96
C ALA B 448 47.33 2.81 -0.97
#